data_6E29
#
_entry.id   6E29
#
_cell.length_a   59.784
_cell.length_b   88.900
_cell.length_c   124.319
_cell.angle_alpha   90.00
_cell.angle_beta   94.30
_cell.angle_gamma   90.00
#
_symmetry.space_group_name_H-M   'P 1 21 1'
#
loop_
_entity.id
_entity.type
_entity.pdbx_description
1 polymer 'SWD1-like protein'
2 water water
#
_entity_poly.entity_id   1
_entity_poly.type   'polypeptide(L)'
_entity_poly.pdbx_seq_one_letter_code
;GMNLLLSDDYLLQDYPENITNTIRSGHSTCVRFNRKGDFLASGRVDGTVVIWDLETMGVARKLRGHSKNITSLSWSRCGR
YLLSACQGWKVILWDLQDGKRYREVRFRAPVYGAELHPWNHHQFAAALFEDQPMLVDITEPVEVRYVLPSVPKRTSTETD
PALREKQAKEDAKHMTTAIVYTASGDHLLAGTTKGRLNIIDARTREIIYSEKIASGIITTLRLTESGRELLVNAQDRIIR
TFIVPNLSAADLDPDTIQLPLEHKFQDVVNRLSWNHVAFSATGEYVAASTYNNHELYIWERGHGSLVRMLEGPKEEQGVI
EWHPHRALLAACGLETGRINIWSVT
;
_entity_poly.pdbx_strand_id   D,A,B,C
#
# COMPACT_ATOMS: atom_id res chain seq x y z
N ILE A 19 22.75 -39.23 -17.74
CA ILE A 19 21.69 -38.62 -18.55
C ILE A 19 22.09 -37.18 -18.94
N THR A 20 22.34 -37.04 -20.24
CA THR A 20 22.98 -35.88 -20.83
C THR A 20 22.38 -35.60 -22.20
N ASN A 21 22.37 -34.35 -22.58
CA ASN A 21 21.99 -33.90 -23.92
C ASN A 21 23.11 -33.03 -24.42
N THR A 22 23.45 -33.15 -25.70
CA THR A 22 24.39 -32.20 -26.26
C THR A 22 23.81 -31.62 -27.55
N ILE A 23 23.92 -30.31 -27.67
CA ILE A 23 23.38 -29.57 -28.81
C ILE A 23 24.47 -28.67 -29.36
N ARG A 24 24.28 -28.22 -30.60
CA ARG A 24 25.22 -27.29 -31.19
C ARG A 24 24.57 -26.40 -32.24
N SER A 25 24.84 -25.11 -32.13
CA SER A 25 24.51 -24.13 -33.18
C SER A 25 25.65 -23.13 -33.18
N GLY A 26 26.60 -23.35 -34.07
CA GLY A 26 27.79 -22.53 -34.01
C GLY A 26 28.65 -22.96 -32.84
N HIS A 27 29.70 -22.18 -32.61
CA HIS A 27 30.63 -22.43 -31.49
C HIS A 27 30.19 -21.56 -30.31
N SER A 28 29.52 -22.18 -29.32
CA SER A 28 28.98 -21.41 -28.21
CA SER A 28 28.98 -21.41 -28.19
C SER A 28 30.08 -20.98 -27.23
N THR A 29 30.05 -19.70 -26.87
CA THR A 29 30.97 -19.11 -25.88
C THR A 29 30.26 -18.78 -24.58
N CYS A 30 28.93 -18.72 -24.57
CA CYS A 30 28.17 -18.31 -23.40
CA CYS A 30 28.25 -18.56 -23.31
C CYS A 30 26.79 -18.95 -23.45
N VAL A 31 26.19 -19.20 -22.30
CA VAL A 31 24.81 -19.65 -22.25
C VAL A 31 24.13 -19.05 -21.03
N ARG A 32 22.82 -18.77 -21.19
CA ARG A 32 22.01 -18.24 -20.09
C ARG A 32 20.57 -18.65 -20.30
N PHE A 33 19.99 -19.32 -19.30
CA PHE A 33 18.56 -19.62 -19.32
C PHE A 33 17.77 -18.35 -19.04
N ASN A 34 16.58 -18.26 -19.63
CA ASN A 34 15.65 -17.25 -19.14
C ASN A 34 15.08 -17.64 -17.78
N ARG A 35 14.31 -16.71 -17.18
CA ARG A 35 13.86 -16.91 -15.80
C ARG A 35 12.92 -18.09 -15.69
N LYS A 36 12.07 -18.26 -16.70
CA LYS A 36 11.10 -19.37 -16.64
C LYS A 36 11.78 -20.70 -16.87
N GLY A 37 12.93 -20.68 -17.50
CA GLY A 37 13.65 -21.90 -17.81
C GLY A 37 13.19 -22.65 -19.04
N ASP A 38 12.42 -22.01 -19.91
CA ASP A 38 11.90 -22.69 -21.10
C ASP A 38 12.61 -22.28 -22.38
N PHE A 39 13.55 -21.32 -22.29
CA PHE A 39 14.41 -20.93 -23.39
C PHE A 39 15.84 -20.77 -22.88
N LEU A 40 16.78 -21.11 -23.75
CA LEU A 40 18.19 -21.00 -23.46
C LEU A 40 18.82 -20.15 -24.53
N ALA A 41 19.41 -18.98 -24.13
CA ALA A 41 20.19 -18.18 -25.07
C ALA A 41 21.61 -18.71 -25.10
N SER A 42 22.21 -18.68 -26.28
CA SER A 42 23.57 -19.12 -26.48
C SER A 42 24.27 -18.09 -27.34
N GLY A 43 25.44 -17.59 -26.90
CA GLY A 43 26.19 -16.65 -27.72
C GLY A 43 27.33 -17.40 -28.36
N ARG A 44 27.74 -16.96 -29.56
CA ARG A 44 28.72 -17.67 -30.39
C ARG A 44 30.01 -16.88 -30.67
N VAL A 45 31.02 -17.60 -31.16
CA VAL A 45 32.27 -16.97 -31.59
C VAL A 45 32.02 -15.90 -32.66
N ASP A 46 31.11 -16.18 -33.61
CA ASP A 46 30.89 -15.25 -34.71
C ASP A 46 29.94 -14.09 -34.35
N GLY A 47 29.55 -13.97 -33.08
CA GLY A 47 28.69 -12.90 -32.61
C GLY A 47 27.19 -13.18 -32.70
N THR A 48 26.76 -14.26 -33.35
CA THR A 48 25.34 -14.56 -33.34
C THR A 48 24.88 -14.99 -31.96
N VAL A 49 23.64 -14.63 -31.64
CA VAL A 49 22.97 -15.09 -30.44
C VAL A 49 21.79 -15.97 -30.89
N VAL A 50 21.70 -17.17 -30.31
CA VAL A 50 20.68 -18.12 -30.68
C VAL A 50 19.79 -18.35 -29.49
N ILE A 51 18.49 -18.48 -29.74
CA ILE A 51 17.52 -18.79 -28.69
C ILE A 51 17.03 -20.21 -28.93
N TRP A 52 17.34 -21.10 -27.99
CA TRP A 52 16.90 -22.48 -28.08
C TRP A 52 15.56 -22.68 -27.38
N ASP A 53 14.63 -23.36 -28.05
CA ASP A 53 13.34 -23.72 -27.49
C ASP A 53 13.52 -25.04 -26.72
N LEU A 54 13.43 -25.01 -25.38
CA LEU A 54 13.72 -26.23 -24.64
C LEU A 54 12.59 -27.23 -24.69
N GLU A 55 11.44 -26.86 -25.22
CA GLU A 55 10.43 -27.88 -25.45
C GLU A 55 10.72 -28.73 -26.68
N THR A 56 11.36 -28.17 -27.71
CA THR A 56 11.77 -28.92 -28.89
C THR A 56 13.26 -29.27 -28.89
N MET A 57 14.06 -28.58 -28.07
CA MET A 57 15.52 -28.59 -28.19
C MET A 57 15.97 -28.23 -29.60
N GLY A 58 15.29 -27.28 -30.23
CA GLY A 58 15.76 -26.73 -31.49
C GLY A 58 15.85 -25.21 -31.41
N VAL A 59 16.53 -24.63 -32.38
CA VAL A 59 16.70 -23.17 -32.44
C VAL A 59 15.41 -22.51 -32.88
N ALA A 60 14.94 -21.52 -32.08
CA ALA A 60 13.74 -20.78 -32.42
C ALA A 60 14.03 -19.38 -32.95
N ARG A 61 15.19 -18.82 -32.60
CA ARG A 61 15.55 -17.47 -33.10
C ARG A 61 17.06 -17.39 -33.27
N LYS A 62 17.48 -16.62 -34.29
CA LYS A 62 18.88 -16.24 -34.42
C LYS A 62 18.94 -14.72 -34.56
N LEU A 63 19.74 -14.11 -33.69
CA LEU A 63 19.86 -12.65 -33.55
C LEU A 63 21.28 -12.25 -33.96
N ARG A 64 21.39 -11.40 -34.96
CA ARG A 64 22.68 -11.10 -35.56
C ARG A 64 22.98 -9.60 -35.44
N GLY A 65 23.69 -9.19 -34.39
CA GLY A 65 24.04 -7.80 -34.26
C GLY A 65 25.47 -7.60 -33.80
N HIS A 66 26.11 -8.66 -33.34
CA HIS A 66 27.53 -8.65 -32.99
C HIS A 66 28.31 -9.44 -34.05
N SER A 67 29.61 -9.15 -34.18
CA SER A 67 30.50 -9.87 -35.09
C SER A 67 31.69 -10.50 -34.39
N LYS A 68 31.76 -10.39 -33.07
CA LYS A 68 32.87 -10.90 -32.28
C LYS A 68 32.30 -11.77 -31.18
N ASN A 69 33.19 -12.51 -30.51
CA ASN A 69 32.78 -13.48 -29.50
C ASN A 69 31.84 -12.86 -28.51
N ILE A 70 30.71 -13.53 -28.27
CA ILE A 70 29.75 -13.08 -27.26
C ILE A 70 30.34 -13.37 -25.89
N THR A 71 30.27 -12.40 -25.00
CA THR A 71 30.87 -12.57 -23.68
C THR A 71 29.86 -12.68 -22.55
N SER A 72 28.66 -12.14 -22.72
CA SER A 72 27.66 -12.25 -21.66
C SER A 72 26.27 -12.12 -22.24
N LEU A 73 25.30 -12.68 -21.49
CA LEU A 73 23.88 -12.69 -21.81
C LEU A 73 23.12 -12.49 -20.49
N SER A 74 22.14 -11.61 -20.52
CA SER A 74 21.39 -11.27 -19.32
C SER A 74 19.92 -11.07 -19.74
N TRP A 75 18.99 -11.82 -19.14
CA TRP A 75 17.57 -11.73 -19.55
C TRP A 75 16.81 -10.79 -18.64
N SER A 76 15.85 -10.07 -19.22
CA SER A 76 14.93 -9.33 -18.37
C SER A 76 14.05 -10.29 -17.55
N ARG A 77 13.50 -9.78 -16.47
CA ARG A 77 12.69 -10.65 -15.60
C ARG A 77 11.49 -11.22 -16.34
N CYS A 78 10.91 -10.46 -17.27
CA CYS A 78 9.71 -10.86 -17.99
C CYS A 78 9.99 -11.78 -19.18
N GLY A 79 11.25 -11.97 -19.54
CA GLY A 79 11.67 -12.76 -20.69
C GLY A 79 11.45 -12.13 -22.05
N ARG A 80 10.97 -10.88 -22.11
CA ARG A 80 10.87 -10.20 -23.39
C ARG A 80 12.23 -9.67 -23.89
N TYR A 81 13.16 -9.27 -23.01
CA TYR A 81 14.36 -8.56 -23.44
C TYR A 81 15.60 -9.37 -23.07
N LEU A 82 16.57 -9.35 -23.96
CA LEU A 82 17.81 -10.09 -23.75
C LEU A 82 18.96 -9.13 -24.03
N LEU A 83 19.87 -8.99 -23.06
CA LEU A 83 21.05 -8.14 -23.18
C LEU A 83 22.26 -9.01 -23.53
N SER A 84 22.89 -8.71 -24.68
CA SER A 84 24.11 -9.42 -25.10
C SER A 84 25.30 -8.47 -25.17
N ALA A 85 26.50 -9.00 -24.87
CA ALA A 85 27.70 -8.19 -24.92
C ALA A 85 28.76 -8.97 -25.67
N CYS A 86 29.72 -8.27 -26.27
CA CYS A 86 30.74 -8.97 -27.04
C CYS A 86 32.15 -8.42 -26.80
N GLN A 87 33.11 -9.16 -27.35
CA GLN A 87 34.51 -8.72 -27.34
C GLN A 87 34.76 -7.63 -28.33
N GLY A 88 33.80 -7.36 -29.22
CA GLY A 88 33.91 -6.26 -30.17
C GLY A 88 33.30 -4.96 -29.64
N TRP A 89 33.14 -4.86 -28.33
CA TRP A 89 32.93 -3.59 -27.59
C TRP A 89 31.47 -3.19 -27.51
N LYS A 90 30.55 -4.07 -27.86
CA LYS A 90 29.15 -3.69 -28.02
C LYS A 90 28.26 -4.37 -27.01
N VAL A 91 27.19 -3.69 -26.67
CA VAL A 91 26.13 -4.24 -25.82
C VAL A 91 24.79 -3.91 -26.48
N ILE A 92 23.96 -4.93 -26.70
CA ILE A 92 22.70 -4.82 -27.43
C ILE A 92 21.59 -5.30 -26.51
N LEU A 93 20.49 -4.55 -26.50
CA LEU A 93 19.27 -5.04 -25.87
C LEU A 93 18.33 -5.48 -26.99
N TRP A 94 18.02 -6.78 -27.04
CA TRP A 94 17.12 -7.32 -28.02
C TRP A 94 15.71 -7.34 -27.48
N ASP A 95 14.76 -7.05 -28.35
CA ASP A 95 13.34 -7.19 -28.07
C ASP A 95 12.89 -8.48 -28.73
N LEU A 96 12.57 -9.51 -27.90
CA LEU A 96 12.26 -10.80 -28.50
C LEU A 96 10.82 -10.86 -28.99
N GLN A 97 10.04 -9.79 -28.77
CA GLN A 97 8.73 -9.71 -29.42
C GLN A 97 8.87 -9.80 -30.93
N ASP A 98 9.87 -9.11 -31.49
CA ASP A 98 10.06 -9.15 -32.92
C ASP A 98 11.49 -9.37 -33.38
N GLY A 99 12.43 -9.57 -32.46
CA GLY A 99 13.81 -9.78 -32.84
C GLY A 99 14.58 -8.50 -33.12
N LYS A 100 14.04 -7.34 -32.79
CA LYS A 100 14.72 -6.12 -33.22
C LYS A 100 15.82 -5.76 -32.21
N ARG A 101 16.85 -5.13 -32.73
CA ARG A 101 17.85 -4.44 -31.95
C ARG A 101 17.25 -3.22 -31.25
N TYR A 102 16.79 -3.40 -30.03
CA TYR A 102 16.01 -2.35 -29.41
C TYR A 102 16.91 -1.22 -28.90
N ARG A 103 18.03 -1.56 -28.26
CA ARG A 103 19.02 -0.55 -27.87
C ARG A 103 20.41 -1.10 -28.18
N GLU A 104 21.36 -0.18 -28.44
CA GLU A 104 22.72 -0.60 -28.76
C GLU A 104 23.71 0.39 -28.17
N VAL A 105 24.69 -0.08 -27.40
CA VAL A 105 25.69 0.79 -26.81
C VAL A 105 27.09 0.31 -27.25
N ARG A 106 27.94 1.27 -27.68
CA ARG A 106 29.29 0.92 -28.11
C ARG A 106 30.30 1.57 -27.19
N PHE A 107 31.14 0.74 -26.59
CA PHE A 107 32.20 1.18 -25.70
C PHE A 107 33.49 1.24 -26.49
N ARG A 108 34.61 1.52 -25.82
CA ARG A 108 35.92 1.53 -26.47
C ARG A 108 36.78 0.35 -26.06
N ALA A 109 36.19 -0.71 -25.55
CA ALA A 109 36.96 -1.84 -25.05
C ALA A 109 36.09 -3.06 -25.04
N PRO A 110 36.69 -4.26 -25.14
CA PRO A 110 35.92 -5.51 -24.96
C PRO A 110 35.17 -5.53 -23.64
N VAL A 111 33.98 -6.12 -23.67
CA VAL A 111 33.08 -6.14 -22.52
C VAL A 111 33.27 -7.48 -21.79
N TYR A 112 33.73 -7.40 -20.52
CA TYR A 112 33.83 -8.62 -19.70
C TYR A 112 32.46 -9.22 -19.46
N GLY A 113 31.48 -8.38 -19.14
CA GLY A 113 30.12 -8.83 -18.93
C GLY A 113 29.21 -7.62 -18.77
N ALA A 114 27.93 -7.75 -19.09
CA ALA A 114 26.97 -6.68 -18.82
C ALA A 114 25.73 -7.36 -18.24
N GLU A 115 25.14 -6.76 -17.21
CA GLU A 115 24.01 -7.36 -16.52
C GLU A 115 22.89 -6.33 -16.53
N LEU A 116 21.67 -6.77 -16.80
CA LEU A 116 20.50 -5.89 -16.62
C LEU A 116 20.18 -5.66 -15.15
N HIS A 117 19.74 -4.43 -14.84
CA HIS A 117 19.16 -4.15 -13.54
C HIS A 117 18.02 -5.19 -13.34
N PRO A 118 17.93 -5.79 -12.15
CA PRO A 118 16.92 -6.89 -11.99
C PRO A 118 15.46 -6.45 -12.12
N TRP A 119 15.17 -5.16 -11.97
CA TRP A 119 13.81 -4.67 -12.07
C TRP A 119 13.59 -3.71 -13.22
N ASN A 120 14.61 -3.40 -14.01
CA ASN A 120 14.49 -2.29 -14.97
C ASN A 120 15.30 -2.69 -16.19
N HIS A 121 14.61 -3.14 -17.26
CA HIS A 121 15.42 -3.53 -18.42
C HIS A 121 16.01 -2.34 -19.16
N HIS A 122 15.86 -1.13 -18.65
CA HIS A 122 16.50 0.03 -19.26
C HIS A 122 17.73 0.53 -18.53
N GLN A 123 18.34 -0.29 -17.68
CA GLN A 123 19.62 0.05 -17.11
C GLN A 123 20.47 -1.20 -17.08
N PHE A 124 21.74 -1.06 -17.40
CA PHE A 124 22.62 -2.18 -17.19
C PHE A 124 23.92 -1.71 -16.62
N ALA A 125 24.70 -2.66 -16.14
CA ALA A 125 26.04 -2.36 -15.63
C ALA A 125 27.04 -3.26 -16.34
N ALA A 126 28.21 -2.68 -16.69
CA ALA A 126 29.19 -3.43 -17.48
C ALA A 126 30.57 -3.26 -16.91
N ALA A 127 31.35 -4.36 -16.91
CA ALA A 127 32.78 -4.30 -16.63
C ALA A 127 33.51 -4.40 -17.97
N LEU A 128 34.57 -3.60 -18.12
CA LEU A 128 35.24 -3.45 -19.41
C LEU A 128 36.73 -3.78 -19.29
N PHE A 129 37.23 -4.47 -20.29
CA PHE A 129 38.62 -4.87 -20.29
C PHE A 129 39.54 -3.65 -20.34
N GLU A 130 40.39 -3.50 -19.31
CA GLU A 130 41.36 -2.39 -19.28
C GLU A 130 40.66 -1.03 -19.41
N ASP A 131 39.44 -0.91 -18.88
CA ASP A 131 38.73 0.37 -18.89
C ASP A 131 37.75 0.45 -17.72
N GLN A 132 37.24 1.66 -17.46
CA GLN A 132 36.45 1.88 -16.27
C GLN A 132 35.10 1.17 -16.38
N PRO A 133 34.57 0.64 -15.29
CA PRO A 133 33.22 0.06 -15.33
C PRO A 133 32.16 1.14 -15.51
N MET A 134 31.01 0.74 -16.03
CA MET A 134 29.98 1.74 -16.38
C MET A 134 28.60 1.27 -15.94
N LEU A 135 27.77 2.23 -15.56
CA LEU A 135 26.33 2.03 -15.41
C LEU A 135 25.63 2.82 -16.51
N VAL A 136 24.74 2.17 -17.27
CA VAL A 136 24.22 2.79 -18.49
C VAL A 136 22.69 2.77 -18.45
N ASP A 137 22.10 3.93 -18.69
CA ASP A 137 20.65 4.05 -18.78
C ASP A 137 20.29 4.08 -20.25
N ILE A 138 19.52 3.10 -20.70
CA ILE A 138 19.22 2.98 -22.11
C ILE A 138 17.73 3.21 -22.29
N THR A 139 17.10 3.99 -21.39
CA THR A 139 15.70 4.36 -21.58
C THR A 139 15.44 4.93 -22.99
N GLU A 140 16.30 5.81 -23.42
CA GLU A 140 16.14 6.42 -24.71
C GLU A 140 17.19 5.93 -25.66
N PRO A 141 17.01 6.15 -26.95
CA PRO A 141 18.18 6.11 -27.83
C PRO A 141 19.63 6.47 -27.68
N VAL A 142 19.92 7.51 -26.89
CA VAL A 142 21.29 8.02 -26.91
C VAL A 142 21.20 7.75 -25.41
N GLU A 143 22.20 7.09 -24.93
CA GLU A 143 22.15 6.58 -23.60
C GLU A 143 22.78 7.58 -22.64
N VAL A 144 22.60 7.37 -21.36
CA VAL A 144 23.34 8.15 -20.38
C VAL A 144 24.28 7.21 -19.68
N ARG A 145 25.58 7.52 -19.74
CA ARG A 145 26.62 6.68 -19.14
C ARG A 145 27.09 7.30 -17.84
N TYR A 146 27.17 6.47 -16.80
CA TYR A 146 27.65 6.84 -15.48
C TYR A 146 28.90 6.04 -15.20
N VAL A 147 30.02 6.73 -15.03
CA VAL A 147 31.28 6.08 -14.64
C VAL A 147 31.14 5.53 -13.23
N LEU A 148 31.62 4.32 -13.02
CA LEU A 148 31.67 3.62 -11.73
C LEU A 148 33.11 3.52 -11.26
N PRO A 149 33.32 3.65 -9.95
CA PRO A 149 34.68 3.66 -9.40
C PRO A 149 35.18 2.24 -9.16
N SER A 150 36.50 2.06 -9.16
CA SER A 150 37.06 0.76 -8.78
CA SER A 150 37.08 0.77 -8.81
C SER A 150 37.74 0.74 -7.43
N VAL A 151 38.02 1.90 -6.84
CA VAL A 151 38.75 1.96 -5.57
CA VAL A 151 38.76 1.98 -5.58
C VAL A 151 38.07 3.05 -4.73
N PRO A 152 37.88 2.82 -3.44
CA PRO A 152 37.22 3.81 -2.58
C PRO A 152 37.96 5.14 -2.58
N LYS A 153 37.22 6.19 -2.25
CA LYS A 153 37.86 7.51 -2.17
C LYS A 153 38.97 7.62 -1.11
N GLN A 167 50.23 7.75 -5.03
CA GLN A 167 48.92 7.24 -4.58
C GLN A 167 47.97 7.09 -5.74
N ALA A 168 47.85 8.17 -6.53
CA ALA A 168 47.02 8.10 -7.72
C ALA A 168 47.49 6.98 -8.67
N LYS A 169 48.80 6.73 -8.77
CA LYS A 169 49.27 5.72 -9.73
C LYS A 169 49.05 4.30 -9.22
N GLU A 170 49.04 4.09 -7.90
CA GLU A 170 48.69 2.76 -7.42
C GLU A 170 47.19 2.53 -7.44
N ASP A 171 46.38 3.56 -7.16
CA ASP A 171 44.93 3.42 -7.37
C ASP A 171 44.57 3.13 -8.81
N ALA A 172 45.35 3.63 -9.77
CA ALA A 172 44.96 3.30 -11.16
C ALA A 172 45.24 1.84 -11.51
N LYS A 173 45.99 1.11 -10.66
CA LYS A 173 46.14 -0.32 -10.95
C LYS A 173 44.88 -1.12 -10.61
N HIS A 174 43.98 -0.58 -9.78
CA HIS A 174 42.76 -1.29 -9.39
C HIS A 174 41.75 -1.18 -10.51
N MET A 175 41.35 -2.29 -11.09
CA MET A 175 40.38 -2.20 -12.15
C MET A 175 39.30 -3.26 -11.97
N THR A 176 38.12 -2.93 -12.44
CA THR A 176 36.92 -3.73 -12.16
C THR A 176 36.76 -4.79 -13.24
N THR A 177 36.64 -6.04 -12.82
CA THR A 177 36.64 -7.19 -13.74
C THR A 177 35.33 -7.94 -13.78
N ALA A 178 34.45 -7.71 -12.80
CA ALA A 178 33.13 -8.36 -12.74
C ALA A 178 32.19 -7.46 -11.95
N ILE A 179 30.91 -7.48 -12.31
CA ILE A 179 29.95 -6.66 -11.59
C ILE A 179 28.57 -7.26 -11.75
N VAL A 180 27.83 -7.31 -10.63
CA VAL A 180 26.44 -7.78 -10.64
C VAL A 180 25.60 -6.83 -9.77
N TYR A 181 24.29 -6.85 -10.02
CA TYR A 181 23.40 -6.11 -9.14
C TYR A 181 22.97 -6.99 -7.95
N THR A 182 22.67 -6.33 -6.85
CA THR A 182 21.97 -6.98 -5.76
C THR A 182 20.52 -7.23 -6.20
N ALA A 183 19.81 -8.06 -5.45
CA ALA A 183 18.48 -8.47 -5.92
C ALA A 183 17.50 -7.28 -6.03
N SER A 184 17.66 -6.25 -5.20
CA SER A 184 16.76 -5.09 -5.33
C SER A 184 17.19 -4.11 -6.42
N GLY A 185 18.43 -4.21 -6.88
CA GLY A 185 19.00 -3.35 -7.88
C GLY A 185 19.56 -2.07 -7.29
N ASP A 186 19.44 -1.90 -5.98
CA ASP A 186 19.86 -0.67 -5.32
C ASP A 186 21.36 -0.55 -5.16
N HIS A 187 22.08 -1.66 -5.29
CA HIS A 187 23.51 -1.72 -5.11
C HIS A 187 24.11 -2.62 -6.17
N LEU A 188 25.38 -2.40 -6.43
CA LEU A 188 26.16 -3.29 -7.28
C LEU A 188 27.25 -3.92 -6.44
N LEU A 189 27.58 -5.18 -6.76
CA LEU A 189 28.73 -5.85 -6.19
C LEU A 189 29.74 -5.99 -7.32
N ALA A 190 30.96 -5.52 -7.09
CA ALA A 190 31.95 -5.47 -8.15
C ALA A 190 33.25 -6.07 -7.65
N GLY A 191 33.94 -6.80 -8.51
CA GLY A 191 35.19 -7.46 -8.15
C GLY A 191 36.31 -6.85 -8.97
N THR A 192 37.52 -6.86 -8.40
CA THR A 192 38.61 -6.13 -9.05
C THR A 192 39.84 -6.98 -9.23
N THR A 193 40.78 -6.37 -9.95
CA THR A 193 42.06 -7.02 -10.21
C THR A 193 42.87 -7.18 -8.93
N LYS A 194 42.57 -6.40 -7.88
CA LYS A 194 43.32 -6.54 -6.63
C LYS A 194 42.61 -7.42 -5.60
N GLY A 195 41.69 -8.28 -6.05
CA GLY A 195 41.00 -9.15 -5.14
C GLY A 195 39.99 -8.48 -4.22
N ARG A 196 39.56 -7.25 -4.52
CA ARG A 196 38.61 -6.58 -3.64
C ARG A 196 37.18 -6.78 -4.13
N LEU A 197 36.27 -6.81 -3.19
CA LEU A 197 34.84 -6.73 -3.47
C LEU A 197 34.37 -5.33 -3.03
N ASN A 198 33.80 -4.57 -3.98
CA ASN A 198 33.29 -3.23 -3.72
C ASN A 198 31.78 -3.34 -3.70
N ILE A 199 31.12 -2.76 -2.69
CA ILE A 199 29.66 -2.58 -2.73
C ILE A 199 29.43 -1.14 -3.10
N ILE A 200 28.71 -0.94 -4.21
CA ILE A 200 28.48 0.39 -4.75
C ILE A 200 27.02 0.77 -4.61
N ASP A 201 26.75 1.98 -4.10
CA ASP A 201 25.40 2.52 -4.14
C ASP A 201 25.04 2.82 -5.59
N ALA A 202 23.97 2.20 -6.12
CA ALA A 202 23.65 2.42 -7.52
C ALA A 202 23.14 3.84 -7.82
N ARG A 203 22.72 4.61 -6.82
CA ARG A 203 22.24 5.95 -7.14
C ARG A 203 23.32 7.03 -7.01
N THR A 204 24.26 6.90 -6.08
CA THR A 204 25.37 7.85 -5.97
C THR A 204 26.64 7.36 -6.64
N ARG A 205 26.70 6.06 -6.96
CA ARG A 205 27.86 5.41 -7.53
C ARG A 205 29.07 5.48 -6.60
N GLU A 206 28.82 5.62 -5.32
CA GLU A 206 29.88 5.63 -4.32
C GLU A 206 30.08 4.22 -3.77
N ILE A 207 31.34 3.86 -3.53
CA ILE A 207 31.67 2.61 -2.86
C ILE A 207 31.42 2.79 -1.38
N ILE A 208 30.42 2.12 -0.85
CA ILE A 208 30.05 2.30 0.53
C ILE A 208 30.67 1.22 1.40
N TYR A 209 31.27 0.22 0.78
CA TYR A 209 31.96 -0.83 1.53
C TYR A 209 32.97 -1.48 0.60
N SER A 210 34.14 -1.79 1.13
CA SER A 210 35.11 -2.46 0.28
C SER A 210 35.89 -3.45 1.13
N GLU A 211 36.26 -4.60 0.56
CA GLU A 211 36.97 -5.60 1.36
C GLU A 211 37.85 -6.44 0.46
N LYS A 212 39.09 -6.70 0.87
CA LYS A 212 39.93 -7.63 0.12
C LYS A 212 39.53 -9.04 0.50
N ILE A 213 38.94 -9.80 -0.45
CA ILE A 213 38.42 -11.14 -0.16
C ILE A 213 39.20 -12.23 -0.86
N ALA A 214 40.11 -11.89 -1.77
CA ALA A 214 40.90 -12.87 -2.50
C ALA A 214 42.25 -12.30 -2.85
N SER A 215 43.19 -13.20 -3.18
CA SER A 215 44.58 -12.83 -3.46
C SER A 215 44.90 -12.95 -4.92
N GLY A 216 43.94 -12.59 -5.77
CA GLY A 216 44.23 -12.37 -7.18
C GLY A 216 43.01 -11.75 -7.83
N ILE A 217 43.05 -11.68 -9.16
CA ILE A 217 41.96 -11.07 -9.94
C ILE A 217 40.66 -11.81 -9.66
N ILE A 218 39.61 -11.05 -9.40
CA ILE A 218 38.29 -11.65 -9.30
C ILE A 218 37.71 -11.82 -10.71
N THR A 219 37.31 -13.06 -11.06
CA THR A 219 36.88 -13.26 -12.44
C THR A 219 35.37 -13.48 -12.60
N THR A 220 34.66 -13.95 -11.58
CA THR A 220 33.22 -14.13 -11.70
C THR A 220 32.57 -13.84 -10.36
N LEU A 221 31.42 -13.18 -10.41
CA LEU A 221 30.57 -12.99 -9.26
C LEU A 221 29.19 -13.51 -9.66
N ARG A 222 28.53 -14.22 -8.75
CA ARG A 222 27.16 -14.67 -9.03
C ARG A 222 26.36 -14.62 -7.75
N LEU A 223 25.08 -14.22 -7.84
CA LEU A 223 24.20 -14.26 -6.67
C LEU A 223 23.18 -15.38 -6.81
N THR A 224 22.73 -15.92 -5.69
CA THR A 224 21.58 -16.79 -5.75
C THR A 224 20.37 -15.97 -6.18
N GLU A 225 19.32 -16.67 -6.63
CA GLU A 225 18.07 -16.03 -7.01
C GLU A 225 17.50 -15.15 -5.89
N SER A 226 17.63 -15.55 -4.63
CA SER A 226 17.16 -14.71 -3.52
C SER A 226 18.03 -13.48 -3.26
N GLY A 227 19.22 -13.42 -3.84
CA GLY A 227 20.25 -12.44 -3.57
C GLY A 227 20.94 -12.54 -2.23
N ARG A 228 20.72 -13.60 -1.45
CA ARG A 228 21.23 -13.64 -0.08
C ARG A 228 22.60 -14.33 0.04
N GLU A 229 23.11 -14.95 -1.02
CA GLU A 229 24.45 -15.57 -1.04
C GLU A 229 25.18 -15.20 -2.31
N LEU A 230 26.48 -14.89 -2.16
CA LEU A 230 27.34 -14.44 -3.23
C LEU A 230 28.40 -15.51 -3.49
N LEU A 231 28.63 -15.84 -4.75
CA LEU A 231 29.67 -16.77 -5.20
C LEU A 231 30.77 -16.00 -5.91
N VAL A 232 32.03 -16.26 -5.56
CA VAL A 232 33.15 -15.52 -6.12
C VAL A 232 34.20 -16.50 -6.61
N ASN A 233 34.62 -16.35 -7.85
CA ASN A 233 35.76 -17.06 -8.43
C ASN A 233 36.92 -16.08 -8.58
N ALA A 234 38.11 -16.53 -8.24
CA ALA A 234 39.30 -15.66 -8.29
C ALA A 234 40.51 -16.46 -8.73
N GLN A 235 41.50 -15.74 -9.22
CA GLN A 235 42.68 -16.35 -9.77
C GLN A 235 43.58 -17.00 -8.72
N ASP A 236 43.25 -16.87 -7.41
CA ASP A 236 44.04 -17.66 -6.43
C ASP A 236 43.47 -19.06 -6.26
N ARG A 237 42.54 -19.43 -7.15
CA ARG A 237 42.12 -20.82 -7.31
C ARG A 237 41.33 -21.34 -6.14
N ILE A 238 40.73 -20.44 -5.37
CA ILE A 238 39.76 -20.78 -4.34
C ILE A 238 38.44 -20.17 -4.72
N ILE A 239 37.39 -20.97 -4.70
CA ILE A 239 36.02 -20.48 -4.91
C ILE A 239 35.43 -20.17 -3.54
N ARG A 240 34.79 -19.00 -3.39
CA ARG A 240 34.29 -18.60 -2.07
C ARG A 240 32.80 -18.24 -2.16
N THR A 241 32.06 -18.57 -1.11
CA THR A 241 30.70 -18.04 -0.93
C THR A 241 30.64 -17.13 0.28
N PHE A 242 29.75 -16.14 0.18
CA PHE A 242 29.60 -15.13 1.20
C PHE A 242 28.12 -14.93 1.47
N ILE A 243 27.84 -14.52 2.71
CA ILE A 243 26.49 -14.11 3.15
C ILE A 243 26.30 -12.61 2.90
N VAL A 244 25.36 -12.29 2.00
CA VAL A 244 25.14 -10.89 1.59
C VAL A 244 24.40 -10.18 2.69
N PRO A 245 24.83 -8.97 3.08
CA PRO A 245 24.12 -8.19 4.08
C PRO A 245 22.79 -7.67 3.55
N ASN A 246 21.95 -7.20 4.48
CA ASN A 246 20.62 -6.64 4.13
C ASN A 246 20.82 -5.21 3.64
N LEU A 247 21.25 -5.11 2.39
CA LEU A 247 21.59 -3.82 1.82
C LEU A 247 20.37 -2.99 1.49
N SER A 248 19.24 -3.63 1.15
CA SER A 248 18.11 -2.83 0.67
C SER A 248 17.25 -2.26 1.81
N ALA A 249 17.48 -2.67 3.06
CA ALA A 249 16.84 -2.09 4.24
C ALA A 249 17.04 -0.57 4.31
N ALA A 250 16.18 0.10 5.08
CA ALA A 250 16.35 1.52 5.37
C ALA A 250 17.34 1.80 6.51
N ASP A 251 17.62 0.81 7.38
CA ASP A 251 18.50 0.97 8.55
C ASP A 251 19.99 1.05 8.19
N LEU A 252 20.35 1.30 6.92
CA LEU A 252 21.75 1.25 6.52
C LEU A 252 22.58 2.30 7.22
N ASP A 253 23.57 1.62 7.64
CA ASP A 253 24.64 2.11 8.21
C ASP A 253 25.58 1.32 7.41
N PRO A 254 26.31 2.02 6.55
CA PRO A 254 27.44 1.45 5.83
C PRO A 254 28.32 0.96 6.97
N ILE A 257 28.10 -2.58 7.62
CA ILE A 257 28.06 -3.58 6.55
C ILE A 257 29.14 -4.62 6.79
N GLN A 258 28.74 -5.86 6.64
CA GLN A 258 29.55 -7.06 6.84
C GLN A 258 29.35 -8.03 5.69
N LEU A 259 30.43 -8.69 5.24
CA LEU A 259 30.35 -9.71 4.17
C LEU A 259 31.06 -10.97 4.64
N PRO A 260 30.45 -11.74 5.55
CA PRO A 260 31.15 -12.92 6.12
C PRO A 260 31.31 -14.06 5.12
N LEU A 261 32.48 -14.67 5.17
CA LEU A 261 32.78 -15.83 4.33
C LEU A 261 31.99 -17.03 4.84
N GLU A 262 31.42 -17.78 3.91
CA GLU A 262 30.69 -18.97 4.25
C GLU A 262 31.55 -20.23 4.01
N HIS A 263 31.96 -20.47 2.77
CA HIS A 263 32.73 -21.67 2.38
C HIS A 263 33.87 -21.29 1.44
N LYS A 264 34.97 -22.05 1.50
CA LYS A 264 36.02 -22.06 0.49
C LYS A 264 35.97 -23.39 -0.22
N PHE A 265 35.96 -23.37 -1.55
CA PHE A 265 36.06 -24.60 -2.31
C PHE A 265 37.37 -24.61 -3.07
N GLN A 266 38.15 -25.68 -2.89
CA GLN A 266 39.40 -25.76 -3.60
C GLN A 266 39.77 -27.23 -3.84
N ASP A 267 40.72 -27.41 -4.73
CA ASP A 267 41.28 -28.74 -5.00
C ASP A 267 42.69 -28.87 -4.42
N VAL A 268 42.86 -29.72 -3.39
CA VAL A 268 44.17 -29.86 -2.80
C VAL A 268 44.98 -30.96 -3.48
N VAL A 269 44.38 -31.68 -4.44
CA VAL A 269 45.12 -32.73 -5.15
C VAL A 269 46.07 -32.09 -6.13
N ASN A 270 45.56 -31.11 -6.92
CA ASN A 270 46.36 -30.52 -7.97
C ASN A 270 46.17 -29.03 -8.07
N ARG A 271 45.44 -28.40 -7.16
CA ARG A 271 45.22 -26.95 -7.21
C ARG A 271 44.69 -26.49 -8.56
N LEU A 272 43.66 -27.17 -9.05
CA LEU A 272 43.05 -26.75 -10.30
C LEU A 272 42.57 -25.30 -10.23
N SER A 273 42.72 -24.58 -11.35
CA SER A 273 42.06 -23.29 -11.57
CA SER A 273 42.05 -23.29 -11.55
C SER A 273 40.66 -23.53 -12.11
N TRP A 274 39.74 -22.59 -11.86
CA TRP A 274 38.34 -22.76 -12.21
C TRP A 274 37.97 -21.76 -13.31
N ASN A 275 37.44 -22.25 -14.43
CA ASN A 275 37.14 -21.35 -15.54
C ASN A 275 35.91 -20.53 -15.24
N HIS A 276 34.87 -21.15 -14.73
CA HIS A 276 33.60 -20.50 -14.47
CA HIS A 276 33.61 -20.48 -14.45
C HIS A 276 32.90 -21.24 -13.34
N VAL A 277 31.98 -20.55 -12.66
CA VAL A 277 31.31 -21.12 -11.49
C VAL A 277 29.83 -20.75 -11.58
N ALA A 278 28.99 -21.48 -10.85
CA ALA A 278 27.56 -21.16 -10.87
C ALA A 278 26.84 -21.79 -9.69
N PHE A 279 25.73 -21.14 -9.28
CA PHE A 279 24.86 -21.68 -8.24
C PHE A 279 23.75 -22.51 -8.88
N SER A 280 23.33 -23.55 -8.19
CA SER A 280 22.14 -24.28 -8.62
C SER A 280 20.88 -23.44 -8.31
N ALA A 281 19.74 -23.97 -8.77
CA ALA A 281 18.45 -23.27 -8.71
C ALA A 281 18.16 -22.71 -7.31
N THR A 282 18.30 -23.55 -6.28
CA THR A 282 17.96 -23.17 -4.91
C THR A 282 19.20 -22.70 -4.14
N GLY A 283 20.35 -22.73 -4.77
CA GLY A 283 21.60 -22.43 -4.11
C GLY A 283 22.17 -23.59 -3.32
N GLU A 284 21.56 -24.78 -3.41
CA GLU A 284 22.10 -25.94 -2.69
C GLU A 284 23.51 -26.28 -3.16
N TYR A 285 23.75 -26.17 -4.47
CA TYR A 285 25.04 -26.60 -5.03
C TYR A 285 25.82 -25.47 -5.66
N VAL A 286 27.15 -25.64 -5.67
CA VAL A 286 28.05 -24.78 -6.43
C VAL A 286 28.74 -25.69 -7.44
N ALA A 287 28.75 -25.29 -8.71
CA ALA A 287 29.47 -26.04 -9.73
C ALA A 287 30.59 -25.19 -10.31
N ALA A 288 31.64 -25.84 -10.83
CA ALA A 288 32.73 -25.12 -11.49
C ALA A 288 33.34 -25.95 -12.63
N SER A 289 33.67 -25.30 -13.73
CA SER A 289 34.44 -25.91 -14.80
C SER A 289 35.92 -25.69 -14.51
N THR A 290 36.75 -26.58 -15.03
CA THR A 290 38.17 -26.66 -14.65
C THR A 290 39.04 -26.18 -15.78
N TYR A 291 40.00 -25.31 -15.45
CA TYR A 291 41.00 -24.87 -16.42
C TYR A 291 41.88 -26.03 -16.88
N ASN A 292 42.07 -26.16 -18.18
CA ASN A 292 43.03 -27.10 -18.79
C ASN A 292 42.69 -28.57 -18.51
N ASN A 293 41.44 -28.86 -18.14
CA ASN A 293 41.01 -30.19 -17.69
C ASN A 293 39.58 -30.40 -18.14
N HIS A 294 39.11 -31.63 -18.04
CA HIS A 294 37.82 -31.96 -18.64
C HIS A 294 36.66 -32.02 -17.66
N GLU A 295 36.89 -31.96 -16.36
CA GLU A 295 35.84 -32.23 -15.40
C GLU A 295 35.04 -30.99 -15.03
N LEU A 296 33.84 -31.23 -14.54
CA LEU A 296 33.06 -30.26 -13.79
C LEU A 296 33.00 -30.75 -12.34
N TYR A 297 33.23 -29.86 -11.40
CA TYR A 297 33.15 -30.16 -9.98
C TYR A 297 31.86 -29.65 -9.43
N ILE A 298 31.24 -30.39 -8.54
CA ILE A 298 30.01 -29.95 -7.87
C ILE A 298 30.16 -30.15 -6.39
N TRP A 299 29.92 -29.10 -5.62
CA TRP A 299 29.96 -29.16 -4.17
C TRP A 299 28.61 -28.77 -3.60
N GLU A 300 28.35 -29.19 -2.36
CA GLU A 300 27.11 -28.83 -1.66
C GLU A 300 27.41 -27.83 -0.56
N ARG A 301 26.50 -26.88 -0.37
CA ARG A 301 26.75 -25.79 0.58
C ARG A 301 26.29 -26.10 1.98
N GLY A 302 25.64 -27.24 2.24
CA GLY A 302 25.34 -27.61 3.60
C GLY A 302 26.59 -27.73 4.46
N HIS A 303 27.59 -28.46 3.95
CA HIS A 303 28.83 -28.72 4.66
C HIS A 303 30.08 -28.42 3.85
N GLY A 304 29.93 -28.06 2.58
CA GLY A 304 31.04 -27.66 1.75
C GLY A 304 31.76 -28.81 1.07
N SER A 305 31.20 -30.02 1.09
CA SER A 305 31.92 -31.17 0.57
C SER A 305 31.65 -31.36 -0.91
N LEU A 306 32.55 -32.10 -1.55
CA LEU A 306 32.42 -32.42 -2.95
C LEU A 306 31.33 -33.50 -3.07
N VAL A 307 30.36 -33.33 -3.97
CA VAL A 307 29.35 -34.36 -4.14
C VAL A 307 29.51 -35.11 -5.47
N ARG A 308 29.97 -34.44 -6.53
CA ARG A 308 30.05 -35.10 -7.83
C ARG A 308 31.20 -34.52 -8.65
N MET A 309 31.75 -35.33 -9.52
CA MET A 309 32.67 -34.85 -10.55
C MET A 309 32.12 -35.33 -11.89
N LEU A 310 31.67 -34.43 -12.74
CA LEU A 310 31.06 -34.79 -14.02
C LEU A 310 32.09 -34.85 -15.14
N GLU A 311 32.11 -35.94 -15.90
CA GLU A 311 33.15 -36.07 -16.93
C GLU A 311 32.64 -35.76 -18.33
N GLY A 312 31.90 -36.70 -18.91
CA GLY A 312 31.22 -36.49 -20.18
C GLY A 312 32.12 -36.30 -21.39
N PRO A 313 32.04 -35.13 -22.02
CA PRO A 313 32.81 -34.92 -23.24
C PRO A 313 34.31 -34.80 -22.95
N LYS A 314 35.08 -35.08 -23.98
CA LYS A 314 36.53 -35.11 -23.81
C LYS A 314 37.11 -33.77 -24.26
N GLU A 315 36.67 -32.73 -23.54
CA GLU A 315 37.16 -31.40 -23.80
C GLU A 315 37.00 -30.50 -22.57
N GLU A 316 37.81 -29.45 -22.57
CA GLU A 316 37.71 -28.41 -21.56
C GLU A 316 36.37 -27.66 -21.68
N GLN A 317 35.71 -27.38 -20.54
CA GLN A 317 34.45 -26.67 -20.50
C GLN A 317 34.71 -25.24 -20.03
N GLY A 318 33.95 -24.30 -20.58
CA GLY A 318 34.12 -22.89 -20.27
C GLY A 318 32.99 -22.39 -19.38
N VAL A 319 32.10 -21.60 -19.97
CA VAL A 319 30.94 -21.07 -19.27
C VAL A 319 29.97 -22.18 -18.89
N ILE A 320 29.44 -22.12 -17.65
CA ILE A 320 28.44 -23.09 -17.19
C ILE A 320 27.27 -22.32 -16.61
N GLU A 321 26.13 -22.99 -16.55
CA GLU A 321 24.89 -22.31 -16.13
C GLU A 321 23.93 -23.37 -15.64
N TRP A 322 23.44 -23.21 -14.41
CA TRP A 322 22.40 -24.13 -13.92
C TRP A 322 21.04 -23.63 -14.37
N HIS A 323 20.14 -24.58 -14.64
CA HIS A 323 18.76 -24.23 -14.97
C HIS A 323 18.10 -23.56 -13.77
N PRO A 324 17.12 -22.67 -13.98
CA PRO A 324 16.56 -21.94 -12.81
C PRO A 324 15.60 -22.73 -11.96
N HIS A 325 15.15 -23.89 -12.42
CA HIS A 325 14.11 -24.59 -11.69
C HIS A 325 14.44 -26.06 -11.50
N ARG A 326 15.18 -26.66 -12.42
CA ARG A 326 15.45 -28.10 -12.35
C ARG A 326 16.94 -28.38 -12.14
N ALA A 327 17.26 -29.62 -11.76
CA ALA A 327 18.65 -30.00 -11.52
C ALA A 327 19.33 -30.34 -12.85
N LEU A 328 19.65 -29.31 -13.59
CA LEU A 328 20.26 -29.42 -14.91
C LEU A 328 21.36 -28.37 -15.00
N LEU A 329 22.50 -28.78 -15.55
CA LEU A 329 23.67 -27.91 -15.67
C LEU A 329 24.14 -27.92 -17.13
N ALA A 330 24.21 -26.77 -17.74
CA ALA A 330 24.71 -26.66 -19.10
C ALA A 330 26.13 -26.11 -19.09
N ALA A 331 26.92 -26.51 -20.07
CA ALA A 331 28.30 -26.07 -20.11
C ALA A 331 28.69 -25.95 -21.57
N CYS A 332 29.51 -24.94 -21.88
CA CYS A 332 30.04 -24.73 -23.21
C CYS A 332 31.39 -25.42 -23.37
N GLY A 333 31.52 -26.20 -24.44
CA GLY A 333 32.78 -26.84 -24.74
C GLY A 333 33.75 -25.87 -25.42
N LEU A 334 34.98 -25.77 -24.87
CA LEU A 334 35.92 -24.80 -25.43
C LEU A 334 36.47 -25.23 -26.79
N GLU A 335 36.59 -26.53 -27.04
CA GLU A 335 37.14 -27.04 -28.29
C GLU A 335 36.07 -27.19 -29.37
N THR A 336 34.87 -27.66 -29.00
CA THR A 336 33.82 -27.95 -29.99
C THR A 336 32.78 -26.84 -30.09
N GLY A 337 32.64 -26.05 -29.04
CA GLY A 337 31.55 -25.11 -28.94
C GLY A 337 30.21 -25.78 -28.74
N ARG A 338 30.16 -27.10 -28.56
CA ARG A 338 28.89 -27.73 -28.23
C ARG A 338 28.45 -27.35 -26.82
N ILE A 339 27.15 -27.45 -26.60
CA ILE A 339 26.54 -27.24 -25.28
C ILE A 339 26.15 -28.58 -24.71
N ASN A 340 26.71 -28.91 -23.57
CA ASN A 340 26.39 -30.17 -22.93
C ASN A 340 25.55 -29.93 -21.68
N ILE A 341 24.49 -30.71 -21.54
CA ILE A 341 23.55 -30.52 -20.44
C ILE A 341 23.50 -31.83 -19.65
N TRP A 342 23.78 -31.74 -18.34
CA TRP A 342 23.76 -32.91 -17.45
C TRP A 342 22.58 -32.79 -16.52
N SER A 343 21.92 -33.91 -16.26
CA SER A 343 20.99 -34.03 -15.14
CA SER A 343 20.98 -34.04 -15.15
C SER A 343 21.80 -34.37 -13.90
N VAL A 344 21.71 -33.53 -12.88
CA VAL A 344 22.53 -33.71 -11.67
C VAL A 344 21.65 -34.18 -10.53
N THR A 345 21.85 -35.41 -10.06
CA THR A 345 21.04 -35.87 -8.94
C THR A 345 21.90 -36.11 -7.69
N PRO B 16 3.06 -42.36 -11.74
CA PRO B 16 3.32 -43.11 -10.50
C PRO B 16 3.52 -42.17 -9.31
N GLU B 17 2.64 -42.27 -8.32
CA GLU B 17 2.78 -41.49 -7.09
C GLU B 17 3.75 -42.20 -6.15
N ASN B 18 4.60 -41.43 -5.49
CA ASN B 18 5.64 -41.98 -4.63
C ASN B 18 5.63 -41.27 -3.29
N ILE B 19 5.24 -41.98 -2.24
CA ILE B 19 5.28 -41.46 -0.88
C ILE B 19 6.49 -42.09 -0.18
N THR B 20 7.49 -41.25 0.07
CA THR B 20 8.79 -41.68 0.57
C THR B 20 8.82 -41.82 2.08
N ASN B 21 7.97 -41.08 2.77
CA ASN B 21 7.93 -41.13 4.22
C ASN B 21 6.53 -40.83 4.70
N THR B 22 6.14 -41.51 5.76
CA THR B 22 4.94 -41.19 6.52
C THR B 22 5.42 -41.15 7.96
N ILE B 23 5.19 -40.04 8.64
CA ILE B 23 5.61 -39.95 10.04
C ILE B 23 4.43 -39.45 10.86
N ARG B 24 4.48 -39.75 12.14
CA ARG B 24 3.39 -39.28 13.01
C ARG B 24 3.92 -39.11 14.40
N SER B 25 3.69 -37.92 14.96
CA SER B 25 3.84 -37.71 16.39
C SER B 25 2.66 -36.86 16.84
N GLY B 26 1.67 -37.48 17.47
CA GLY B 26 0.44 -36.72 17.73
C GLY B 26 -0.26 -36.35 16.43
N HIS B 27 -1.33 -35.55 16.56
CA HIS B 27 -2.11 -35.09 15.40
C HIS B 27 -1.49 -33.79 14.90
N SER B 28 -0.80 -33.84 13.76
CA SER B 28 -0.12 -32.67 13.23
CA SER B 28 -0.13 -32.66 13.22
C SER B 28 -1.15 -31.71 12.64
N THR B 29 -1.04 -30.42 12.98
CA THR B 29 -1.90 -29.41 12.40
C THR B 29 -1.15 -28.50 11.45
N CYS B 30 0.17 -28.52 11.47
CA CYS B 30 0.97 -27.61 10.67
CA CYS B 30 0.93 -27.76 10.49
C CYS B 30 2.37 -28.21 10.54
N VAL B 31 3.08 -27.90 9.45
CA VAL B 31 4.49 -28.30 9.26
C VAL B 31 5.22 -27.16 8.58
N ARG B 32 6.54 -27.09 8.77
CA ARG B 32 7.38 -26.08 8.15
C ARG B 32 8.82 -26.57 8.17
N PHE B 33 9.46 -26.62 6.99
CA PHE B 33 10.89 -26.96 6.92
C PHE B 33 11.74 -25.76 7.32
N ASN B 34 12.93 -26.00 7.90
CA ASN B 34 13.86 -24.87 8.12
C ASN B 34 14.52 -24.56 6.77
N ARG B 35 15.36 -23.54 6.72
CA ARG B 35 15.82 -23.08 5.40
C ARG B 35 16.86 -23.99 4.78
N LYS B 36 17.70 -24.61 5.62
CA LYS B 36 18.65 -25.56 5.07
C LYS B 36 17.96 -26.84 4.63
N GLY B 37 16.77 -27.12 5.15
CA GLY B 37 16.03 -28.29 4.78
C GLY B 37 16.49 -29.56 5.47
N ASP B 38 17.27 -29.46 6.57
CA ASP B 38 17.65 -30.69 7.28
C ASP B 38 16.73 -30.98 8.46
N PHE B 39 15.78 -30.09 8.74
CA PHE B 39 14.86 -30.26 9.87
C PHE B 39 13.46 -29.82 9.47
N LEU B 40 12.47 -30.47 10.10
CA LEU B 40 11.06 -30.16 9.86
C LEU B 40 10.40 -29.96 11.20
N ALA B 41 9.66 -28.87 11.33
CA ALA B 41 8.90 -28.66 12.53
C ALA B 41 7.45 -29.06 12.30
N SER B 42 6.85 -29.65 13.31
CA SER B 42 5.45 -30.05 13.30
C SER B 42 4.76 -29.48 14.53
N GLY B 43 3.55 -28.97 14.36
CA GLY B 43 2.75 -28.53 15.50
C GLY B 43 1.56 -29.45 15.58
N ARG B 44 1.04 -29.65 16.80
CA ARG B 44 0.03 -30.67 17.05
C ARG B 44 -1.20 -30.04 17.68
N VAL B 45 -2.29 -30.82 17.63
CA VAL B 45 -3.57 -30.40 18.22
C VAL B 45 -3.37 -30.02 19.68
N ASP B 46 -2.51 -30.76 20.40
CA ASP B 46 -2.36 -30.53 21.84
C ASP B 46 -1.35 -29.41 22.18
N GLY B 47 -0.89 -28.65 21.21
CA GLY B 47 0.03 -27.56 21.48
C GLY B 47 1.49 -27.95 21.47
N THR B 48 1.81 -29.23 21.39
CA THR B 48 3.22 -29.61 21.33
C THR B 48 3.81 -29.31 19.95
N VAL B 49 5.09 -28.95 19.93
CA VAL B 49 5.84 -28.75 18.69
C VAL B 49 6.95 -29.78 18.61
N VAL B 50 7.08 -30.42 17.45
CA VAL B 50 8.03 -31.50 17.24
C VAL B 50 9.05 -31.08 16.17
N ILE B 51 10.32 -31.29 16.47
CA ILE B 51 11.41 -31.02 15.55
C ILE B 51 11.87 -32.39 15.05
N TRP B 52 11.69 -32.65 13.75
CA TRP B 52 12.13 -33.91 13.13
C TRP B 52 13.47 -33.71 12.46
N ASP B 53 14.44 -34.57 12.78
CA ASP B 53 15.70 -34.64 12.05
C ASP B 53 15.45 -35.39 10.74
N LEU B 54 15.59 -34.70 9.59
CA LEU B 54 15.23 -35.31 8.30
C LEU B 54 16.22 -36.38 7.87
N GLU B 55 17.42 -36.44 8.44
CA GLU B 55 18.35 -37.50 8.04
C GLU B 55 17.89 -38.94 8.41
N THR B 56 17.47 -39.09 9.67
CA THR B 56 17.01 -40.34 10.31
C THR B 56 15.49 -40.40 10.32
N MET B 57 14.84 -39.26 10.07
CA MET B 57 13.39 -39.14 10.11
C MET B 57 12.83 -39.43 11.48
N GLY B 58 13.64 -39.25 12.53
CA GLY B 58 13.17 -39.36 13.90
C GLY B 58 12.98 -37.99 14.56
N VAL B 59 12.45 -38.04 15.78
CA VAL B 59 12.19 -36.83 16.56
C VAL B 59 13.48 -36.41 17.24
N ALA B 60 13.88 -35.16 17.04
CA ALA B 60 15.05 -34.57 17.66
C ALA B 60 14.70 -33.89 18.96
N ARG B 61 13.56 -33.21 19.01
CA ARG B 61 13.10 -32.72 20.31
C ARG B 61 11.62 -32.39 20.24
N LYS B 62 11.01 -32.40 21.43
CA LYS B 62 9.61 -32.03 21.61
C LYS B 62 9.56 -30.78 22.50
N LEU B 63 8.81 -29.77 22.05
CA LEU B 63 8.66 -28.49 22.74
C LEU B 63 7.22 -28.36 23.21
N ARG B 64 7.04 -28.24 24.52
CA ARG B 64 5.70 -28.15 25.10
C ARG B 64 5.60 -26.78 25.76
N GLY B 65 4.92 -25.86 25.09
CA GLY B 65 4.71 -24.54 25.64
C GLY B 65 3.30 -24.09 25.38
N HIS B 66 2.67 -24.68 24.38
CA HIS B 66 1.28 -24.38 24.09
C HIS B 66 0.43 -25.54 24.57
N SER B 67 -0.86 -25.27 24.79
CA SER B 67 -1.84 -26.30 25.10
C SER B 67 -3.00 -26.37 24.10
N LYS B 68 -3.01 -25.58 23.03
CA LYS B 68 -4.08 -25.63 22.06
C LYS B 68 -3.44 -25.78 20.68
N ASN B 69 -4.29 -25.98 19.66
CA ASN B 69 -3.80 -26.27 18.32
C ASN B 69 -2.76 -25.27 17.87
N ILE B 70 -1.61 -25.78 17.44
CA ILE B 70 -0.64 -24.92 16.78
C ILE B 70 -1.23 -24.45 15.45
N THR B 71 -1.09 -23.16 15.18
CA THR B 71 -1.59 -22.56 13.95
C THR B 71 -0.50 -22.08 13.01
N SER B 72 0.73 -21.83 13.47
CA SER B 72 1.80 -21.46 12.55
C SER B 72 3.17 -21.71 13.16
N LEU B 73 4.13 -21.84 12.25
CA LEU B 73 5.53 -22.07 12.58
C LEU B 73 6.37 -21.26 11.62
N SER B 74 7.39 -20.60 12.15
CA SER B 74 8.24 -19.70 11.37
C SER B 74 9.66 -19.81 11.89
N TRP B 75 10.58 -20.12 11.00
CA TRP B 75 11.97 -20.37 11.38
C TRP B 75 12.80 -19.11 11.16
N SER B 76 13.83 -18.95 12.00
CA SER B 76 14.76 -17.85 11.82
C SER B 76 15.67 -18.15 10.63
N ARG B 77 16.32 -17.10 10.11
CA ARG B 77 17.18 -17.28 8.93
C ARG B 77 18.25 -18.34 9.20
N CYS B 78 18.71 -18.42 10.44
CA CYS B 78 19.86 -19.21 10.84
C CYS B 78 19.47 -20.62 11.26
N GLY B 79 18.18 -20.93 11.34
CA GLY B 79 17.73 -22.21 11.86
C GLY B 79 17.81 -22.37 13.37
N ARG B 80 18.30 -21.36 14.10
CA ARG B 80 18.46 -21.55 15.54
C ARG B 80 17.17 -21.32 16.32
N TYR B 81 16.24 -20.50 15.78
CA TYR B 81 15.05 -20.08 16.48
C TYR B 81 13.80 -20.45 15.70
N LEU B 82 12.73 -20.75 16.43
CA LEU B 82 11.46 -21.17 15.81
C LEU B 82 10.34 -20.47 16.54
N LEU B 83 9.50 -19.77 15.80
CA LEU B 83 8.38 -19.05 16.37
C LEU B 83 7.11 -19.87 16.12
N SER B 84 6.42 -20.22 17.20
CA SER B 84 5.18 -21.00 17.09
C SER B 84 4.00 -20.22 17.65
N ALA B 85 2.83 -20.44 17.08
CA ALA B 85 1.64 -19.74 17.53
C ALA B 85 0.51 -20.74 17.68
N CYS B 86 -0.48 -20.44 18.53
CA CYS B 86 -1.54 -21.41 18.76
C CYS B 86 -2.90 -20.73 18.82
N GLN B 87 -3.95 -21.55 18.81
CA GLN B 87 -5.30 -21.05 19.03
C GLN B 87 -5.53 -20.62 20.46
N GLY B 88 -4.63 -20.99 21.37
CA GLY B 88 -4.76 -20.59 22.76
C GLY B 88 -4.15 -19.24 23.07
N TRP B 89 -4.01 -18.38 22.03
CA TRP B 89 -3.66 -16.96 22.14
C TRP B 89 -2.17 -16.68 22.35
N LYS B 90 -1.29 -17.63 22.14
CA LYS B 90 0.10 -17.46 22.53
C LYS B 90 1.04 -17.57 21.33
N VAL B 91 2.13 -16.83 21.40
CA VAL B 91 3.26 -16.93 20.48
C VAL B 91 4.53 -17.12 21.31
N ILE B 92 5.36 -18.09 20.91
CA ILE B 92 6.59 -18.43 21.65
C ILE B 92 7.75 -18.48 20.67
N LEU B 93 8.89 -17.92 21.08
CA LEU B 93 10.14 -18.02 20.36
C LEU B 93 11.01 -19.03 21.09
N TRP B 94 11.24 -20.18 20.45
CA TRP B 94 12.06 -21.25 20.96
C TRP B 94 13.51 -21.05 20.54
N ASP B 95 14.43 -21.32 21.44
CA ASP B 95 15.85 -21.45 21.12
C ASP B 95 16.14 -22.95 20.96
N LEU B 96 16.37 -23.38 19.72
CA LEU B 96 16.63 -24.79 19.46
C LEU B 96 18.05 -25.18 19.78
N GLN B 97 18.93 -24.21 20.07
CA GLN B 97 20.26 -24.59 20.54
C GLN B 97 20.18 -25.34 21.87
N ASP B 98 19.19 -25.01 22.73
CA ASP B 98 19.02 -25.64 24.03
C ASP B 98 17.58 -26.06 24.35
N GLY B 99 16.64 -25.95 23.40
CA GLY B 99 15.24 -26.27 23.67
C GLY B 99 14.51 -25.27 24.54
N LYS B 100 15.07 -24.08 24.73
CA LYS B 100 14.58 -23.12 25.70
C LYS B 100 13.42 -22.31 25.11
N ARG B 101 12.43 -22.01 25.95
CA ARG B 101 11.45 -20.96 25.68
C ARG B 101 12.15 -19.61 25.79
N TYR B 102 12.63 -19.06 24.68
CA TYR B 102 13.47 -17.88 24.70
C TYR B 102 12.67 -16.59 24.87
N ARG B 103 11.50 -16.51 24.23
CA ARG B 103 10.55 -15.40 24.39
C ARG B 103 9.13 -15.94 24.31
N GLU B 104 8.20 -15.22 24.93
CA GLU B 104 6.81 -15.67 24.96
C GLU B 104 5.86 -14.48 25.04
N VAL B 105 4.87 -14.42 24.15
CA VAL B 105 3.95 -13.29 24.05
C VAL B 105 2.53 -13.83 24.01
N ARG B 106 1.68 -13.34 24.94
CA ARG B 106 0.29 -13.75 25.04
C ARG B 106 -0.64 -12.64 24.57
N PHE B 107 -1.57 -12.98 23.68
CA PHE B 107 -2.52 -12.01 23.14
C PHE B 107 -3.88 -12.22 23.80
N ARG B 108 -4.91 -11.56 23.27
CA ARG B 108 -6.25 -11.69 23.83
C ARG B 108 -7.19 -12.46 22.89
N ALA B 109 -6.64 -13.25 21.99
CA ALA B 109 -7.39 -13.83 20.89
C ALA B 109 -6.54 -14.91 20.24
N PRO B 110 -7.17 -15.90 19.61
CA PRO B 110 -6.42 -16.90 18.84
C PRO B 110 -5.54 -16.25 17.77
N VAL B 111 -4.40 -16.88 17.51
CA VAL B 111 -3.45 -16.34 16.54
C VAL B 111 -3.67 -17.08 15.22
N TYR B 112 -4.09 -16.36 14.17
CA TYR B 112 -4.15 -16.96 12.84
C TYR B 112 -2.74 -17.44 12.40
N GLY B 113 -1.73 -16.62 12.67
CA GLY B 113 -0.38 -16.97 12.33
C GLY B 113 0.56 -15.86 12.70
N ALA B 114 1.80 -16.22 12.96
CA ALA B 114 2.82 -15.24 13.31
C ALA B 114 4.09 -15.53 12.49
N GLU B 115 4.71 -14.47 11.97
CA GLU B 115 5.87 -14.59 11.09
C GLU B 115 7.03 -13.82 11.66
N LEU B 116 8.22 -14.42 11.61
CA LEU B 116 9.44 -13.72 12.06
C LEU B 116 9.94 -12.76 10.99
N HIS B 117 10.45 -11.61 11.45
CA HIS B 117 11.13 -10.70 10.53
C HIS B 117 12.24 -11.47 9.81
N PRO B 118 12.35 -11.38 8.48
CA PRO B 118 13.28 -12.27 7.76
C PRO B 118 14.74 -12.05 8.09
N TRP B 119 15.11 -10.95 8.74
CA TRP B 119 16.51 -10.72 9.09
C TRP B 119 16.72 -10.52 10.59
N ASN B 120 15.72 -10.76 11.42
CA ASN B 120 15.83 -10.33 12.82
C ASN B 120 14.86 -11.19 13.61
N HIS B 121 15.37 -12.22 14.31
CA HIS B 121 14.44 -13.07 15.05
C HIS B 121 13.80 -12.38 16.26
N HIS B 122 14.13 -11.11 16.53
CA HIS B 122 13.58 -10.35 17.65
C HIS B 122 12.39 -9.48 17.26
N GLN B 123 11.80 -9.66 16.07
CA GLN B 123 10.56 -8.98 15.74
C GLN B 123 9.68 -9.95 14.98
N PHE B 124 8.37 -9.92 15.27
CA PHE B 124 7.43 -10.72 14.50
C PHE B 124 6.15 -9.93 14.30
N ALA B 125 5.38 -10.39 13.33
CA ALA B 125 4.05 -9.88 13.03
C ALA B 125 3.01 -11.00 13.14
N ALA B 126 1.87 -10.67 13.74
CA ALA B 126 0.83 -11.69 13.91
C ALA B 126 -0.54 -11.18 13.46
N ALA B 127 -1.35 -12.08 12.93
CA ALA B 127 -2.76 -11.79 12.65
C ALA B 127 -3.60 -12.53 13.69
N LEU B 128 -4.62 -11.86 14.23
CA LEU B 128 -5.40 -12.38 15.34
C LEU B 128 -6.87 -12.54 14.96
N PHE B 129 -7.48 -13.62 15.45
CA PHE B 129 -8.90 -13.85 15.20
C PHE B 129 -9.74 -12.71 15.82
N GLU B 130 -10.50 -12.03 14.99
CA GLU B 130 -11.41 -10.97 15.44
C GLU B 130 -10.69 -9.94 16.31
N ASP B 131 -9.41 -9.70 16.03
CA ASP B 131 -8.63 -8.70 16.75
C ASP B 131 -7.65 -8.03 15.80
N GLN B 132 -7.04 -6.94 16.29
CA GLN B 132 -6.14 -6.14 15.46
C GLN B 132 -4.82 -6.86 15.23
N PRO B 133 -4.25 -6.75 14.04
CA PRO B 133 -2.93 -7.38 13.79
C PRO B 133 -1.84 -6.64 14.53
N MET B 134 -0.75 -7.34 14.86
CA MET B 134 0.24 -6.76 15.76
C MET B 134 1.66 -6.97 15.25
N LEU B 135 2.50 -5.95 15.43
CA LEU B 135 3.95 -6.04 15.26
C LEU B 135 4.56 -6.02 16.66
N VAL B 136 5.30 -7.06 17.02
CA VAL B 136 5.83 -7.16 18.38
C VAL B 136 7.35 -7.18 18.35
N ASP B 137 7.97 -6.34 19.17
CA ASP B 137 9.42 -6.41 19.37
C ASP B 137 9.72 -7.30 20.58
N ILE B 138 10.45 -8.41 20.35
CA ILE B 138 10.78 -9.28 21.46
C ILE B 138 12.29 -9.30 21.71
N THR B 139 12.98 -8.19 21.40
CA THR B 139 14.42 -8.14 21.68
C THR B 139 14.69 -8.48 23.14
N GLU B 140 13.87 -7.94 24.04
CA GLU B 140 14.02 -8.17 25.44
C GLU B 140 12.89 -9.05 25.96
N PRO B 141 13.06 -9.70 27.10
CA PRO B 141 11.89 -10.13 27.84
C PRO B 141 10.44 -9.79 28.16
N VAL B 142 9.99 -8.61 27.75
CA VAL B 142 8.75 -8.03 28.28
C VAL B 142 8.83 -7.40 26.88
N GLU B 143 7.94 -7.83 26.03
CA GLU B 143 7.88 -7.34 24.66
C GLU B 143 7.40 -5.87 24.60
N VAL B 144 7.57 -5.29 23.42
CA VAL B 144 6.91 -4.04 23.07
C VAL B 144 6.00 -4.35 21.88
N ARG B 145 4.71 -4.06 22.03
CA ARG B 145 3.76 -4.38 20.99
C ARG B 145 3.37 -3.10 20.25
N TYR B 146 3.09 -3.24 18.96
CA TYR B 146 2.66 -2.12 18.12
C TYR B 146 1.43 -2.55 17.35
N VAL B 147 0.35 -1.76 17.43
CA VAL B 147 -0.86 -2.14 16.69
C VAL B 147 -0.64 -1.90 15.20
N LEU B 148 -1.05 -2.79 14.42
CA LEU B 148 -0.95 -2.55 12.98
C LEU B 148 -2.31 -2.23 12.39
N PRO B 149 -2.36 -1.44 11.32
CA PRO B 149 -3.66 -1.01 10.79
C PRO B 149 -4.25 -2.06 9.87
N SER B 150 -5.57 -2.20 9.92
CA SER B 150 -6.30 -2.99 8.94
CA SER B 150 -6.22 -3.01 8.90
C SER B 150 -6.81 -2.18 7.79
N VAL B 151 -7.03 -0.90 8.03
CA VAL B 151 -7.70 -0.03 7.08
CA VAL B 151 -7.73 -0.02 7.11
C VAL B 151 -6.94 1.32 7.10
N PRO B 152 -6.82 1.96 5.95
CA PRO B 152 -6.22 3.32 5.91
C PRO B 152 -6.94 4.29 6.84
N LYS B 153 -6.20 5.33 7.21
CA LYS B 153 -6.72 6.31 8.14
C LYS B 153 -7.60 7.30 7.39
N ARG B 154 -8.83 7.47 7.85
CA ARG B 154 -9.65 8.54 7.27
C ARG B 154 -9.29 9.90 7.87
N THR B 155 -9.54 10.95 7.09
CA THR B 155 -9.35 12.31 7.58
C THR B 155 -10.46 12.71 8.54
N SER B 156 -10.16 13.70 9.37
CA SER B 156 -11.12 14.19 10.34
C SER B 156 -12.34 14.85 9.70
N THR B 157 -12.21 15.38 8.49
CA THR B 157 -13.27 16.18 7.89
C THR B 157 -14.04 15.43 6.79
N GLU B 158 -13.65 14.20 6.46
CA GLU B 158 -14.18 13.60 5.22
C GLU B 158 -15.58 13.02 5.35
N THR B 159 -16.10 12.86 6.58
CA THR B 159 -17.41 12.27 6.79
C THR B 159 -18.28 13.14 7.69
N ASP B 160 -19.52 13.38 7.26
CA ASP B 160 -20.45 14.09 8.12
C ASP B 160 -20.57 13.43 9.49
N PRO B 161 -20.65 14.21 10.57
CA PRO B 161 -20.73 13.58 11.89
C PRO B 161 -21.87 12.59 12.03
N ALA B 162 -23.03 12.86 11.40
CA ALA B 162 -24.17 11.95 11.49
C ALA B 162 -23.92 10.58 10.85
N LEU B 163 -22.89 10.45 10.01
CA LEU B 163 -22.58 9.21 9.30
C LEU B 163 -21.36 8.51 9.87
N ARG B 164 -20.65 9.18 10.80
CA ARG B 164 -19.40 8.61 11.30
C ARG B 164 -19.62 7.29 12.03
N GLU B 165 -20.66 7.17 12.84
CA GLU B 165 -20.89 5.91 13.55
C GLU B 165 -21.04 4.75 12.57
N LYS B 166 -21.83 4.93 11.51
CA LYS B 166 -22.09 3.79 10.64
C LYS B 166 -20.86 3.49 9.79
N GLN B 167 -20.16 4.53 9.34
CA GLN B 167 -18.95 4.34 8.57
C GLN B 167 -17.91 3.60 9.41
N ALA B 168 -17.75 4.01 10.67
CA ALA B 168 -16.77 3.34 11.52
C ALA B 168 -17.12 1.86 11.70
N LYS B 169 -18.39 1.57 11.98
CA LYS B 169 -18.84 0.18 12.09
C LYS B 169 -18.48 -0.61 10.84
N GLU B 170 -18.65 -0.01 9.66
CA GLU B 170 -18.35 -0.73 8.41
C GLU B 170 -16.85 -0.92 8.23
N ASP B 171 -16.06 0.13 8.47
CA ASP B 171 -14.60 0.02 8.37
C ASP B 171 -14.08 -1.07 9.28
N ALA B 172 -14.73 -1.24 10.43
CA ALA B 172 -14.30 -2.23 11.41
C ALA B 172 -14.54 -3.65 10.94
N LYS B 173 -15.35 -3.86 9.91
CA LYS B 173 -15.49 -5.22 9.41
C LYS B 173 -14.29 -5.67 8.62
N HIS B 174 -13.38 -4.77 8.29
CA HIS B 174 -12.15 -5.13 7.60
C HIS B 174 -11.14 -5.61 8.63
N MET B 175 -10.91 -6.91 8.68
CA MET B 175 -10.01 -7.44 9.70
C MET B 175 -8.91 -8.25 9.03
N THR B 176 -7.70 -8.19 9.60
CA THR B 176 -6.56 -8.79 8.95
C THR B 176 -6.41 -10.27 9.35
N THR B 177 -6.24 -11.13 8.35
CA THR B 177 -6.34 -12.56 8.56
C THR B 177 -5.07 -13.29 8.20
N ALA B 178 -4.11 -12.61 7.60
CA ALA B 178 -2.88 -13.26 7.17
C ALA B 178 -1.88 -12.15 6.99
N ILE B 179 -0.63 -12.40 7.31
CA ILE B 179 0.36 -11.34 7.14
C ILE B 179 1.73 -11.96 6.96
N VAL B 180 2.54 -11.38 6.07
CA VAL B 180 3.91 -11.86 5.85
C VAL B 180 4.81 -10.64 5.67
N TYR B 181 6.12 -10.83 5.90
CA TYR B 181 7.05 -9.74 5.59
C TYR B 181 7.48 -9.87 4.14
N THR B 182 7.78 -8.74 3.50
CA THR B 182 8.54 -8.78 2.26
C THR B 182 9.96 -9.25 2.56
N ALA B 183 10.74 -9.53 1.50
CA ALA B 183 12.04 -10.18 1.68
C ALA B 183 12.99 -9.31 2.47
N SER B 184 12.90 -7.99 2.31
CA SER B 184 13.82 -7.10 3.02
C SER B 184 13.43 -6.89 4.46
N GLY B 185 12.16 -7.13 4.77
CA GLY B 185 11.60 -6.83 6.06
C GLY B 185 11.06 -5.42 6.20
N ASP B 186 11.23 -4.56 5.19
CA ASP B 186 10.77 -3.18 5.31
C ASP B 186 9.25 -3.01 5.19
N HIS B 187 8.54 -4.00 4.64
CA HIS B 187 7.10 -3.92 4.46
C HIS B 187 6.45 -5.21 4.92
N LEU B 188 5.17 -5.10 5.21
CA LEU B 188 4.35 -6.25 5.48
C LEU B 188 3.27 -6.31 4.42
N LEU B 189 2.95 -7.52 4.02
CA LEU B 189 1.84 -7.76 3.10
C LEU B 189 0.77 -8.45 3.91
N ALA B 190 -0.43 -7.90 3.93
CA ALA B 190 -1.47 -8.47 4.77
C ALA B 190 -2.76 -8.67 3.98
N GLY B 191 -3.46 -9.72 4.34
CA GLY B 191 -4.75 -10.01 3.75
C GLY B 191 -5.87 -9.82 4.74
N THR B 192 -7.08 -9.53 4.22
CA THR B 192 -8.18 -9.19 5.08
C THR B 192 -9.42 -10.01 4.77
N THR B 193 -10.40 -9.87 5.66
CA THR B 193 -11.71 -10.50 5.52
C THR B 193 -12.48 -9.96 4.32
N LYS B 194 -12.06 -8.85 3.76
CA LYS B 194 -12.77 -8.23 2.65
C LYS B 194 -12.03 -8.45 1.34
N GLY B 195 -11.10 -9.41 1.32
CA GLY B 195 -10.37 -9.80 0.13
C GLY B 195 -9.38 -8.76 -0.36
N ARG B 196 -8.89 -7.90 0.54
CA ARG B 196 -7.91 -6.90 0.15
C ARG B 196 -6.51 -7.35 0.54
N LEU B 197 -5.54 -6.95 -0.29
CA LEU B 197 -4.12 -7.06 0.04
C LEU B 197 -3.62 -5.66 0.40
N ASN B 198 -3.17 -5.49 1.65
CA ASN B 198 -2.60 -4.25 2.17
C ASN B 198 -1.09 -4.37 2.13
N ILE B 199 -0.41 -3.29 1.73
CA ILE B 199 1.03 -3.19 1.85
C ILE B 199 1.28 -2.18 2.95
N ILE B 200 2.00 -2.58 3.99
CA ILE B 200 2.23 -1.77 5.19
C ILE B 200 3.71 -1.47 5.28
N ASP B 201 4.06 -0.18 5.43
CA ASP B 201 5.43 0.21 5.78
C ASP B 201 5.72 -0.24 7.20
N ALA B 202 6.72 -1.11 7.38
CA ALA B 202 6.92 -1.67 8.71
C ALA B 202 7.52 -0.67 9.68
N ARG B 203 8.11 0.42 9.17
CA ARG B 203 8.64 1.40 10.12
C ARG B 203 7.60 2.46 10.49
N THR B 204 6.80 2.94 9.53
CA THR B 204 5.72 3.85 9.86
C THR B 204 4.47 3.15 10.38
N ARG B 205 4.31 1.87 10.06
CA ARG B 205 3.10 1.11 10.40
C ARG B 205 1.88 1.70 9.73
N GLU B 206 2.08 2.43 8.64
CA GLU B 206 0.96 2.93 7.87
C GLU B 206 0.80 2.14 6.58
N ILE B 207 -0.45 2.01 6.15
CA ILE B 207 -0.76 1.37 4.88
C ILE B 207 -0.37 2.31 3.75
N ILE B 208 0.44 1.84 2.82
CA ILE B 208 0.82 2.64 1.67
C ILE B 208 0.13 2.19 0.40
N TYR B 209 -0.61 1.08 0.42
CA TYR B 209 -1.27 0.56 -0.79
C TYR B 209 -2.26 -0.51 -0.38
N SER B 210 -3.39 -0.53 -1.07
CA SER B 210 -4.40 -1.53 -0.77
C SER B 210 -5.19 -1.80 -2.05
N GLU B 211 -5.46 -3.07 -2.31
CA GLU B 211 -6.19 -3.43 -3.53
C GLU B 211 -7.06 -4.64 -3.26
N LYS B 212 -8.30 -4.64 -3.76
CA LYS B 212 -9.15 -5.81 -3.59
C LYS B 212 -8.73 -6.85 -4.62
N ILE B 213 -8.19 -7.99 -4.16
CA ILE B 213 -7.74 -9.03 -5.07
C ILE B 213 -8.57 -10.30 -5.00
N ALA B 214 -9.52 -10.41 -4.08
CA ALA B 214 -10.30 -11.63 -3.98
C ALA B 214 -11.73 -11.27 -3.58
N SER B 215 -12.63 -12.22 -3.76
CA SER B 215 -14.01 -12.01 -3.34
C SER B 215 -14.42 -12.83 -2.13
N GLY B 216 -13.45 -13.26 -1.31
CA GLY B 216 -13.80 -13.67 0.05
C GLY B 216 -12.70 -13.35 1.05
N ILE B 217 -12.69 -14.03 2.19
CA ILE B 217 -11.63 -13.90 3.17
C ILE B 217 -10.30 -14.44 2.63
N ILE B 218 -9.23 -13.66 2.78
CA ILE B 218 -7.90 -14.14 2.43
C ILE B 218 -7.35 -14.99 3.58
N THR B 219 -7.02 -16.25 3.28
CA THR B 219 -6.62 -17.18 4.34
C THR B 219 -5.13 -17.48 4.39
N THR B 220 -4.43 -17.35 3.30
CA THR B 220 -3.00 -17.63 3.27
C THR B 220 -2.31 -16.66 2.33
N LEU B 221 -1.16 -16.17 2.79
CA LEU B 221 -0.20 -15.47 1.96
C LEU B 221 1.18 -16.14 2.08
N ARG B 222 1.88 -16.28 0.95
CA ARG B 222 3.24 -16.83 0.97
C ARG B 222 4.07 -16.20 -0.15
N LEU B 223 5.30 -15.86 0.16
CA LEU B 223 6.20 -15.31 -0.84
C LEU B 223 7.15 -16.40 -1.33
N THR B 224 7.65 -16.23 -2.56
CA THR B 224 8.79 -17.01 -3.02
C THR B 224 10.06 -16.57 -2.28
N GLU B 225 11.12 -17.37 -2.44
CA GLU B 225 12.38 -17.08 -1.77
C GLU B 225 12.91 -15.68 -2.08
N SER B 226 12.96 -15.30 -3.36
CA SER B 226 13.39 -13.96 -3.72
C SER B 226 12.42 -12.88 -3.26
N GLY B 227 11.21 -13.26 -2.86
CA GLY B 227 10.18 -12.29 -2.55
C GLY B 227 9.56 -11.60 -3.74
N ARG B 228 9.72 -12.14 -4.97
CA ARG B 228 9.21 -11.43 -6.16
C ARG B 228 7.82 -11.87 -6.55
N GLU B 229 7.35 -13.01 -6.04
CA GLU B 229 6.01 -13.49 -6.36
C GLU B 229 5.27 -13.89 -5.09
N LEU B 230 3.97 -13.61 -5.08
CA LEU B 230 3.10 -13.78 -3.93
C LEU B 230 1.99 -14.77 -4.33
N LEU B 231 1.74 -15.72 -3.46
CA LEU B 231 0.68 -16.69 -3.59
C LEU B 231 -0.40 -16.39 -2.57
N VAL B 232 -1.64 -16.42 -3.00
CA VAL B 232 -2.76 -15.96 -2.19
C VAL B 232 -3.86 -17.02 -2.25
N ASN B 233 -4.30 -17.53 -1.11
CA ASN B 233 -5.49 -18.38 -1.06
C ASN B 233 -6.60 -17.57 -0.43
N ALA B 234 -7.78 -17.64 -1.03
CA ALA B 234 -8.93 -16.90 -0.53
C ALA B 234 -10.18 -17.74 -0.72
N GLN B 235 -11.24 -17.35 -0.04
CA GLN B 235 -12.40 -18.20 0.05
C GLN B 235 -13.30 -18.12 -1.17
N ASP B 236 -12.83 -17.58 -2.30
CA ASP B 236 -13.65 -17.55 -3.49
C ASP B 236 -13.26 -18.65 -4.48
N ARG B 237 -12.60 -19.72 -4.00
CA ARG B 237 -12.32 -20.92 -4.78
C ARG B 237 -11.22 -20.70 -5.80
N ILE B 238 -10.50 -19.58 -5.72
CA ILE B 238 -9.49 -19.24 -6.71
C ILE B 238 -8.18 -19.00 -6.00
N ILE B 239 -7.13 -19.67 -6.47
CA ILE B 239 -5.76 -19.43 -6.02
C ILE B 239 -5.12 -18.46 -7.00
N ARG B 240 -4.33 -17.52 -6.47
CA ARG B 240 -3.76 -16.46 -7.32
C ARG B 240 -2.31 -16.26 -6.98
N THR B 241 -1.51 -15.99 -8.01
CA THR B 241 -0.16 -15.51 -7.84
C THR B 241 -0.07 -14.10 -8.39
N PHE B 242 0.76 -13.29 -7.75
CA PHE B 242 0.96 -11.91 -8.16
C PHE B 242 2.44 -11.60 -8.22
N ILE B 243 2.76 -10.61 -9.07
CA ILE B 243 4.13 -10.09 -9.22
C ILE B 243 4.33 -8.97 -8.22
N VAL B 244 5.26 -9.12 -7.29
CA VAL B 244 5.34 -8.17 -6.17
C VAL B 244 6.05 -6.93 -6.64
N PRO B 245 5.58 -5.72 -6.28
CA PRO B 245 6.22 -4.50 -6.78
C PRO B 245 7.58 -4.27 -6.15
N ASN B 246 8.31 -3.39 -6.82
CA ASN B 246 9.58 -2.83 -6.40
C ASN B 246 9.36 -1.94 -5.19
N LEU B 247 9.55 -2.49 -3.98
CA LEU B 247 9.25 -1.73 -2.77
C LEU B 247 10.52 -1.19 -2.13
N SER B 248 11.42 -2.06 -1.65
CA SER B 248 12.55 -1.67 -0.81
C SER B 248 13.51 -0.67 -1.47
N ALA B 249 13.29 -0.38 -2.75
CA ALA B 249 14.08 0.58 -3.49
C ALA B 249 13.84 2.01 -2.99
N ALA B 250 14.89 2.84 -3.15
CA ALA B 250 14.86 4.23 -2.73
C ALA B 250 13.90 5.09 -3.55
N ASP B 251 13.55 4.69 -4.77
CA ASP B 251 12.62 5.48 -5.57
C ASP B 251 11.24 5.48 -4.93
N ASP B 253 7.55 5.24 -4.83
CA ASP B 253 6.40 6.12 -4.87
C ASP B 253 5.15 5.26 -4.87
N PRO B 254 4.05 5.72 -4.26
CA PRO B 254 2.78 4.99 -4.45
C PRO B 254 1.80 5.75 -5.35
N ILE B 257 2.29 2.21 -7.69
CA ILE B 257 2.44 0.84 -7.18
C ILE B 257 1.37 0.00 -7.83
N GLN B 258 1.78 -1.12 -8.42
CA GLN B 258 0.84 -2.09 -8.95
C GLN B 258 1.17 -3.45 -8.40
N LEU B 259 0.14 -4.31 -8.37
CA LEU B 259 0.27 -5.69 -7.90
C LEU B 259 -0.37 -6.58 -8.96
N PRO B 260 0.31 -6.77 -10.09
CA PRO B 260 -0.37 -7.41 -11.22
C PRO B 260 -0.57 -8.91 -11.00
N LEU B 261 -1.75 -9.36 -11.39
CA LEU B 261 -2.06 -10.79 -11.31
C LEU B 261 -1.23 -11.58 -12.31
N GLU B 262 -0.63 -12.67 -11.85
CA GLU B 262 0.11 -13.55 -12.75
C GLU B 262 -0.77 -14.70 -13.25
N HIS B 263 -1.17 -15.61 -12.37
CA HIS B 263 -2.05 -16.73 -12.73
C HIS B 263 -3.19 -16.86 -11.72
N LYS B 264 -4.32 -17.37 -12.22
CA LYS B 264 -5.42 -17.88 -11.40
C LYS B 264 -5.41 -19.40 -11.52
N PHE B 265 -5.57 -20.09 -10.40
CA PHE B 265 -5.65 -21.56 -10.43
C PHE B 265 -6.96 -21.96 -9.78
N GLN B 266 -7.75 -22.81 -10.46
CA GLN B 266 -9.10 -23.08 -9.96
C GLN B 266 -9.60 -24.35 -10.65
N ASP B 267 -10.71 -24.86 -10.14
CA ASP B 267 -11.41 -26.00 -10.77
C ASP B 267 -12.88 -25.61 -10.92
N VAL B 268 -13.24 -25.10 -12.11
CA VAL B 268 -14.57 -24.53 -12.32
C VAL B 268 -15.67 -25.59 -12.32
N VAL B 269 -15.39 -26.78 -12.89
CA VAL B 269 -16.45 -27.75 -13.13
C VAL B 269 -16.78 -28.51 -11.84
N ASN B 270 -15.81 -28.66 -10.95
CA ASN B 270 -16.03 -29.30 -9.66
C ASN B 270 -16.21 -28.30 -8.53
N ARG B 271 -16.01 -27.00 -8.82
CA ARG B 271 -16.15 -25.90 -7.88
C ARG B 271 -15.49 -26.24 -6.54
N LEU B 272 -14.24 -26.65 -6.63
CA LEU B 272 -13.46 -27.03 -5.45
C LEU B 272 -12.98 -25.81 -4.69
N SER B 273 -13.00 -25.91 -3.36
CA SER B 273 -12.39 -24.94 -2.47
CA SER B 273 -12.37 -24.94 -2.48
C SER B 273 -11.07 -25.50 -1.96
N TRP B 274 -10.11 -24.60 -1.72
CA TRP B 274 -8.73 -24.97 -1.42
C TRP B 274 -8.43 -24.72 0.05
N ASN B 275 -7.81 -25.70 0.68
CA ASN B 275 -7.62 -25.62 2.11
C ASN B 275 -6.33 -24.86 2.44
N HIS B 276 -5.19 -25.35 1.93
CA HIS B 276 -3.91 -24.68 2.11
CA HIS B 276 -3.90 -24.68 2.11
C HIS B 276 -3.16 -24.74 0.78
N VAL B 277 -2.20 -23.83 0.62
CA VAL B 277 -1.43 -23.76 -0.62
C VAL B 277 0.03 -23.56 -0.25
N ALA B 278 0.91 -23.87 -1.22
CA ALA B 278 2.35 -23.76 -1.02
C ALA B 278 3.11 -23.64 -2.36
N PHE B 279 4.20 -22.87 -2.34
CA PHE B 279 5.15 -22.77 -3.43
C PHE B 279 6.21 -23.84 -3.28
N SER B 280 6.67 -24.39 -4.40
CA SER B 280 7.81 -25.28 -4.37
C SER B 280 9.10 -24.47 -4.18
N ALA B 281 10.22 -25.17 -4.03
CA ALA B 281 11.50 -24.58 -3.64
C ALA B 281 11.88 -23.40 -4.53
N THR B 282 11.79 -23.57 -5.85
CA THR B 282 12.16 -22.53 -6.80
C THR B 282 10.98 -21.67 -7.20
N GLY B 283 9.81 -21.98 -6.70
CA GLY B 283 8.63 -21.27 -7.14
C GLY B 283 8.03 -21.80 -8.41
N GLU B 284 8.60 -22.85 -8.97
CA GLU B 284 8.05 -23.41 -10.21
C GLU B 284 6.62 -23.88 -10.05
N TYR B 285 6.31 -24.55 -8.93
CA TYR B 285 5.01 -25.20 -8.77
C TYR B 285 4.23 -24.54 -7.65
N VAL B 286 2.90 -24.56 -7.80
CA VAL B 286 1.97 -24.25 -6.71
C VAL B 286 1.20 -25.53 -6.40
N ALA B 287 1.14 -25.92 -5.12
CA ALA B 287 0.35 -27.07 -4.69
C ALA B 287 -0.78 -26.57 -3.78
N ALA B 288 -1.87 -27.34 -3.74
CA ALA B 288 -2.95 -27.05 -2.81
C ALA B 288 -3.60 -28.35 -2.36
N SER B 289 -4.08 -28.36 -1.13
CA SER B 289 -5.04 -29.35 -0.64
C SER B 289 -6.46 -28.84 -0.82
N THR B 290 -7.40 -29.78 -0.82
CA THR B 290 -8.78 -29.55 -1.26
C THR B 290 -9.73 -29.79 -0.11
N TYR B 291 -10.58 -28.79 0.18
N TYR B 291 -10.57 -28.80 0.18
CA TYR B 291 -11.63 -28.95 1.18
CA TYR B 291 -11.60 -28.94 1.20
C TYR B 291 -12.54 -30.10 0.80
C TYR B 291 -12.54 -30.08 0.81
N ASN B 292 -12.90 -30.89 1.80
CA ASN B 292 -13.83 -32.01 1.66
C ASN B 292 -13.47 -32.99 0.55
N ASN B 293 -12.19 -33.12 0.20
CA ASN B 293 -11.77 -34.12 -0.78
C ASN B 293 -10.37 -34.60 -0.40
N HIS B 294 -9.93 -35.69 -1.02
CA HIS B 294 -8.66 -36.25 -0.57
C HIS B 294 -7.46 -35.80 -1.41
N GLU B 295 -7.69 -35.21 -2.56
CA GLU B 295 -6.62 -34.96 -3.52
C GLU B 295 -5.76 -33.76 -3.16
N LEU B 296 -4.54 -33.79 -3.67
CA LEU B 296 -3.69 -32.61 -3.75
C LEU B 296 -3.52 -32.26 -5.21
N TYR B 297 -3.51 -30.97 -5.51
CA TYR B 297 -3.38 -30.50 -6.88
C TYR B 297 -2.04 -29.78 -6.99
N ILE B 298 -1.35 -29.97 -8.11
CA ILE B 298 -0.08 -29.25 -8.37
C ILE B 298 -0.18 -28.59 -9.75
N TRP B 299 -0.03 -27.27 -9.78
CA TRP B 299 0.05 -26.50 -11.03
C TRP B 299 1.48 -25.97 -11.23
N GLU B 300 1.79 -25.62 -12.47
CA GLU B 300 3.08 -25.01 -12.77
C GLU B 300 2.87 -23.55 -13.16
N ARG B 301 3.75 -22.69 -12.68
CA ARG B 301 3.60 -21.24 -12.85
C ARG B 301 4.18 -20.73 -14.15
N GLY B 302 4.94 -21.56 -14.86
CA GLY B 302 5.42 -21.15 -16.16
C GLY B 302 4.28 -20.78 -17.09
N HIS B 303 3.27 -21.65 -17.17
CA HIS B 303 2.12 -21.42 -18.02
C HIS B 303 0.80 -21.55 -17.31
N GLY B 304 0.81 -21.78 -15.99
CA GLY B 304 -0.44 -21.89 -15.25
C GLY B 304 -1.16 -23.22 -15.33
N SER B 305 -0.58 -24.23 -15.98
CA SER B 305 -1.34 -25.44 -16.23
C SER B 305 -1.22 -26.43 -15.06
N LEU B 306 -2.24 -27.30 -14.96
CA LEU B 306 -2.24 -28.35 -13.95
C LEU B 306 -1.32 -29.49 -14.37
N VAL B 307 -0.41 -29.88 -13.49
CA VAL B 307 0.58 -30.89 -13.82
C VAL B 307 0.31 -32.23 -13.15
N ARG B 308 -0.31 -32.23 -11.99
CA ARG B 308 -0.45 -33.48 -11.24
C ARG B 308 -1.64 -33.36 -10.30
N MET B 309 -2.41 -34.43 -10.18
CA MET B 309 -3.33 -34.57 -9.06
C MET B 309 -2.88 -35.78 -8.24
N LEU B 310 -2.59 -35.56 -6.96
CA LEU B 310 -2.15 -36.67 -6.08
C LEU B 310 -3.34 -37.20 -5.31
N GLU B 311 -3.49 -38.53 -5.25
CA GLU B 311 -4.51 -39.14 -4.40
C GLU B 311 -3.95 -39.65 -3.08
N GLY B 312 -2.69 -40.11 -3.05
CA GLY B 312 -2.05 -40.57 -1.83
C GLY B 312 -2.98 -41.47 -1.07
N PRO B 313 -3.17 -41.21 0.22
CA PRO B 313 -4.11 -42.02 1.00
C PRO B 313 -5.57 -41.62 0.81
N LYS B 314 -6.43 -42.21 1.62
CA LYS B 314 -7.82 -41.81 1.44
C LYS B 314 -8.21 -40.79 2.50
N GLU B 315 -7.45 -39.71 2.68
CA GLU B 315 -7.98 -38.75 3.63
C GLU B 315 -7.81 -37.31 3.17
N GLU B 316 -8.73 -36.49 3.66
CA GLU B 316 -8.62 -35.06 3.45
C GLU B 316 -7.29 -34.52 4.01
N GLN B 317 -6.62 -33.66 3.24
CA GLN B 317 -5.33 -33.09 3.64
C GLN B 317 -5.49 -31.63 4.05
N GLY B 318 -4.69 -31.20 5.02
CA GLY B 318 -4.70 -29.83 5.48
C GLY B 318 -3.49 -29.05 5.05
N VAL B 319 -2.63 -28.70 6.02
CA VAL B 319 -1.48 -27.84 5.71
C VAL B 319 -0.51 -28.62 4.84
N ILE B 320 0.07 -27.93 3.84
CA ILE B 320 1.09 -28.59 3.01
C ILE B 320 2.31 -27.69 2.94
N GLU B 321 3.47 -28.28 2.69
CA GLU B 321 4.71 -27.51 2.64
C GLU B 321 5.68 -28.24 1.73
N TRP B 322 6.35 -27.51 0.84
CA TRP B 322 7.42 -28.11 0.06
C TRP B 322 8.77 -28.00 0.76
N HIS B 323 9.65 -28.95 0.47
CA HIS B 323 11.05 -28.88 0.94
C HIS B 323 11.77 -27.67 0.27
N PRO B 324 12.69 -26.99 0.98
CA PRO B 324 13.31 -25.78 0.39
C PRO B 324 14.33 -26.05 -0.70
N HIS B 325 14.74 -27.30 -0.92
CA HIS B 325 15.79 -27.57 -1.90
C HIS B 325 15.39 -28.68 -2.87
N ARG B 326 14.58 -29.61 -2.41
CA ARG B 326 14.29 -30.80 -3.20
C ARG B 326 12.80 -30.89 -3.54
N ALA B 327 12.47 -31.74 -4.53
CA ALA B 327 11.07 -31.83 -4.99
C ALA B 327 10.31 -32.82 -4.08
N LEU B 328 10.10 -32.39 -2.86
CA LEU B 328 9.39 -33.15 -1.82
C LEU B 328 8.24 -32.30 -1.31
N LEU B 329 7.04 -32.90 -1.18
CA LEU B 329 5.86 -32.13 -0.77
C LEU B 329 5.31 -32.87 0.45
N ALA B 330 5.24 -32.20 1.61
CA ALA B 330 4.72 -32.81 2.83
C ALA B 330 3.31 -32.32 3.07
N ALA B 331 2.48 -33.18 3.63
CA ALA B 331 1.08 -32.81 3.90
C ALA B 331 0.59 -33.43 5.20
N CYS B 332 -0.27 -32.69 5.92
CA CYS B 332 -0.86 -33.13 7.18
C CYS B 332 -2.25 -33.63 6.88
N GLY B 333 -2.52 -34.88 7.27
CA GLY B 333 -3.88 -35.40 7.15
C GLY B 333 -4.80 -34.84 8.23
N LEU B 334 -5.99 -34.39 7.81
CA LEU B 334 -6.95 -33.84 8.76
C LEU B 334 -7.54 -34.89 9.66
N GLU B 335 -7.67 -36.14 9.19
CA GLU B 335 -8.35 -37.17 9.95
C GLU B 335 -7.41 -37.93 10.87
N THR B 336 -6.20 -38.24 10.41
CA THR B 336 -5.24 -39.04 11.17
C THR B 336 -4.13 -38.21 11.80
N GLY B 337 -3.94 -36.99 11.32
CA GLY B 337 -2.80 -36.16 11.68
C GLY B 337 -1.45 -36.70 11.26
N ARG B 338 -1.39 -37.68 10.37
CA ARG B 338 -0.11 -38.15 9.87
C ARG B 338 0.50 -37.14 8.92
N ILE B 339 1.84 -37.17 8.80
CA ILE B 339 2.50 -36.37 7.79
C ILE B 339 2.99 -37.30 6.70
N ASN B 340 2.47 -37.10 5.49
CA ASN B 340 2.96 -37.83 4.32
C ASN B 340 3.86 -36.93 3.47
N ILE B 341 4.94 -37.52 2.94
CA ILE B 341 5.88 -36.77 2.09
C ILE B 341 5.96 -37.45 0.75
N TRP B 342 5.52 -36.73 -0.28
CA TRP B 342 5.58 -37.20 -1.66
C TRP B 342 6.88 -36.77 -2.31
N SER B 343 7.42 -37.64 -3.14
CA SER B 343 8.48 -37.28 -4.09
CA SER B 343 8.47 -37.28 -4.09
C SER B 343 7.82 -36.93 -5.42
N VAL B 344 7.89 -35.66 -5.83
CA VAL B 344 7.11 -35.13 -6.96
C VAL B 344 8.01 -34.97 -8.19
N THR B 345 7.75 -35.74 -9.23
CA THR B 345 8.47 -35.63 -10.51
C THR B 345 7.76 -34.80 -11.61
N ILE C 19 10.56 33.99 13.38
CA ILE C 19 10.71 32.66 13.94
C ILE C 19 11.97 32.66 14.80
N THR C 20 11.78 32.64 16.12
CA THR C 20 12.89 32.77 17.06
C THR C 20 13.79 31.54 17.03
N ASN C 21 13.18 30.37 16.87
CA ASN C 21 13.87 29.11 17.07
C ASN C 21 13.14 28.03 16.29
N THR C 22 13.90 27.19 15.61
CA THR C 22 13.44 25.86 15.20
C THR C 22 14.35 24.86 15.87
N ILE C 23 13.77 23.95 16.64
CA ILE C 23 14.52 22.90 17.30
C ILE C 23 13.93 21.54 16.96
N ARG C 24 14.76 20.51 17.05
CA ARG C 24 14.22 19.18 16.80
C ARG C 24 15.00 18.14 17.59
N SER C 25 14.26 17.27 18.28
CA SER C 25 14.78 16.01 18.82
C SER C 25 13.67 14.99 18.67
N GLY C 26 13.85 14.03 17.76
CA GLY C 26 12.83 13.09 17.38
C GLY C 26 11.67 13.89 16.82
N HIS C 27 10.57 13.20 16.64
CA HIS C 27 9.38 13.76 16.01
C HIS C 27 8.46 14.19 17.14
N SER C 28 8.36 15.50 17.39
CA SER C 28 7.56 15.94 18.50
CA SER C 28 7.56 15.95 18.51
C SER C 28 6.06 15.85 18.21
N THR C 29 5.29 15.29 19.17
CA THR C 29 3.85 15.20 19.06
C THR C 29 3.16 16.14 20.04
N CYS C 30 3.90 16.63 21.03
CA CYS C 30 3.32 17.42 22.11
CA CYS C 30 3.31 17.58 21.95
C CYS C 30 4.42 18.30 22.70
N VAL C 31 4.04 19.47 23.23
CA VAL C 31 4.96 20.37 23.96
C VAL C 31 4.21 21.00 25.11
N ARG C 32 4.95 21.32 26.17
CA ARG C 32 4.38 22.02 27.32
C ARG C 32 5.50 22.70 28.09
N PHE C 33 5.39 24.02 28.31
CA PHE C 33 6.38 24.72 29.11
C PHE C 33 6.14 24.41 30.59
N ASN C 34 7.23 24.47 31.40
CA ASN C 34 6.98 24.46 32.84
C ASN C 34 6.46 25.83 33.28
N ARG C 35 6.08 25.96 34.55
CA ARG C 35 5.42 27.24 34.95
C ARG C 35 6.39 28.40 34.91
N LYS C 36 7.66 28.13 35.26
CA LYS C 36 8.61 29.25 35.27
C LYS C 36 8.95 29.71 33.87
N GLY C 37 8.70 28.86 32.87
CA GLY C 37 9.07 29.17 31.52
C GLY C 37 10.54 29.04 31.19
N ASP C 38 11.35 28.35 32.02
CA ASP C 38 12.76 28.12 31.69
C ASP C 38 13.07 26.72 31.15
N PHE C 39 12.08 25.81 31.08
CA PHE C 39 12.23 24.49 30.47
C PHE C 39 11.00 24.17 29.62
N LEU C 40 11.22 23.41 28.53
CA LEU C 40 10.13 22.99 27.64
C LEU C 40 10.17 21.47 27.54
N ALA C 41 9.06 20.81 27.86
CA ALA C 41 8.96 19.37 27.64
C ALA C 41 8.38 19.12 26.25
N SER C 42 8.92 18.11 25.56
CA SER C 42 8.45 17.72 24.24
C SER C 42 8.25 16.23 24.31
N GLY C 43 7.09 15.74 23.90
CA GLY C 43 6.86 14.29 23.78
C GLY C 43 7.03 13.86 22.35
N ARG C 44 7.54 12.64 22.13
CA ARG C 44 7.88 12.14 20.80
C ARG C 44 6.97 11.00 20.32
N VAL C 45 6.99 10.77 19.01
CA VAL C 45 6.31 9.62 18.43
C VAL C 45 6.81 8.33 19.06
N ASP C 46 8.11 8.24 19.31
CA ASP C 46 8.64 7.00 19.86
C ASP C 46 8.49 6.89 21.37
N GLY C 47 7.77 7.83 21.99
CA GLY C 47 7.49 7.74 23.40
C GLY C 47 8.46 8.46 24.29
N THR C 48 9.62 8.89 23.77
CA THR C 48 10.57 9.62 24.60
C THR C 48 10.04 11.04 24.89
N VAL C 49 10.35 11.52 26.08
CA VAL C 49 10.03 12.88 26.53
C VAL C 49 11.35 13.60 26.73
N VAL C 50 11.51 14.71 26.03
CA VAL C 50 12.70 15.54 26.05
C VAL C 50 12.43 16.78 26.89
N ILE C 51 13.41 17.15 27.71
CA ILE C 51 13.36 18.40 28.45
C ILE C 51 14.37 19.35 27.82
N TRP C 52 13.88 20.44 27.22
CA TRP C 52 14.73 21.46 26.58
C TRP C 52 15.06 22.57 27.59
N ASP C 53 16.35 22.93 27.67
CA ASP C 53 16.81 24.04 28.49
C ASP C 53 16.67 25.31 27.65
N LEU C 54 15.76 26.20 28.04
CA LEU C 54 15.49 27.36 27.20
C LEU C 54 16.56 28.43 27.36
N GLU C 55 17.44 28.31 28.35
CA GLU C 55 18.53 29.27 28.47
C GLU C 55 19.62 29.01 27.43
N THR C 56 19.75 27.74 27.00
CA THR C 56 20.70 27.28 25.99
C THR C 56 20.04 26.71 24.72
N MET C 57 18.72 26.46 24.74
CA MET C 57 18.01 25.75 23.65
C MET C 57 18.69 24.43 23.30
N GLY C 58 19.28 23.79 24.30
CA GLY C 58 19.89 22.49 24.21
C GLY C 58 19.05 21.49 25.00
N VAL C 59 19.21 20.21 24.72
CA VAL C 59 18.50 19.16 25.43
C VAL C 59 19.15 18.95 26.79
N ALA C 60 18.35 19.01 27.84
CA ALA C 60 18.86 18.73 29.17
C ALA C 60 18.53 17.32 29.63
N ARG C 61 17.42 16.75 29.19
CA ARG C 61 17.04 15.40 29.65
C ARG C 61 16.36 14.64 28.53
N LYS C 62 16.57 13.31 28.49
CA LYS C 62 15.72 12.41 27.70
C LYS C 62 15.15 11.39 28.66
N LEU C 63 13.85 11.42 28.88
CA LEU C 63 13.19 10.49 29.79
C LEU C 63 12.59 9.36 28.96
N ARG C 64 13.00 8.12 29.21
CA ARG C 64 12.53 6.99 28.39
C ARG C 64 11.62 5.98 29.06
N GLY C 65 10.32 6.26 29.11
CA GLY C 65 9.43 5.26 29.68
C GLY C 65 8.25 4.82 28.86
N HIS C 66 7.84 5.61 27.88
CA HIS C 66 6.79 5.20 26.95
C HIS C 66 7.44 4.65 25.68
N SER C 67 6.67 3.88 24.89
CA SER C 67 7.13 3.50 23.57
C SER C 67 6.20 3.91 22.43
N LYS C 68 5.05 4.46 22.75
CA LYS C 68 4.10 4.99 21.78
C LYS C 68 4.00 6.50 21.89
N ASN C 69 3.30 7.06 20.91
CA ASN C 69 3.19 8.52 20.82
C ASN C 69 2.76 9.17 22.13
N ILE C 70 3.49 10.21 22.56
CA ILE C 70 3.10 10.96 23.74
C ILE C 70 1.89 11.80 23.39
N THR C 71 0.87 11.73 24.24
CA THR C 71 -0.34 12.50 23.96
C THR C 71 -0.55 13.70 24.89
N SER C 72 0.08 13.74 26.07
CA SER C 72 -0.05 14.94 26.88
C SER C 72 1.11 15.00 27.88
N LEU C 73 1.32 16.22 28.35
CA LEU C 73 2.36 16.60 29.32
C LEU C 73 1.75 17.57 30.31
N SER C 74 2.01 17.36 31.61
CA SER C 74 1.49 18.23 32.67
C SER C 74 2.53 18.37 33.76
N TRP C 75 2.91 19.60 34.05
CA TRP C 75 3.97 19.86 35.03
C TRP C 75 3.33 20.15 36.38
N SER C 76 4.05 19.82 37.45
CA SER C 76 3.66 20.26 38.77
C SER C 76 3.96 21.76 38.92
N ARG C 77 3.27 22.39 39.86
CA ARG C 77 3.45 23.82 40.14
C ARG C 77 4.89 24.16 40.40
N CYS C 78 5.60 23.30 41.15
CA CYS C 78 6.97 23.51 41.63
C CYS C 78 8.01 23.22 40.56
N GLY C 79 7.61 22.58 39.48
CA GLY C 79 8.49 22.19 38.39
C GLY C 79 9.31 20.95 38.67
N ARG C 80 9.07 20.27 39.79
CA ARG C 80 9.82 19.05 40.07
C ARG C 80 9.25 17.82 39.35
N TYR C 81 7.95 17.76 39.10
CA TYR C 81 7.33 16.55 38.59
C TYR C 81 6.65 16.84 37.26
N LEU C 82 6.76 15.89 36.34
CA LEU C 82 6.22 16.00 34.98
C LEU C 82 5.39 14.76 34.73
N LEU C 83 4.10 14.95 34.40
CA LEU C 83 3.23 13.81 34.11
C LEU C 83 3.10 13.65 32.59
N SER C 84 3.46 12.47 32.06
CA SER C 84 3.33 12.21 30.62
C SER C 84 2.35 11.07 30.39
N ALA C 85 1.63 11.14 29.26
CA ALA C 85 0.66 10.12 28.89
C ALA C 85 0.90 9.73 27.44
N CYS C 86 0.52 8.49 27.07
CA CYS C 86 0.83 8.02 25.72
C CYS C 86 -0.34 7.25 25.11
N GLN C 87 -0.27 7.01 23.80
CA GLN C 87 -1.24 6.15 23.13
C GLN C 87 -1.08 4.68 23.50
N GLY C 88 0.01 4.32 24.19
CA GLY C 88 0.22 2.96 24.67
C GLY C 88 -0.40 2.70 26.04
N TRP C 89 -1.37 3.51 26.44
CA TRP C 89 -2.22 3.32 27.63
C TRP C 89 -1.54 3.64 28.96
N LYS C 90 -0.40 4.32 28.99
CA LYS C 90 0.35 4.55 30.24
C LYS C 90 0.35 6.03 30.61
N VAL C 91 0.38 6.27 31.92
CA VAL C 91 0.67 7.61 32.44
C VAL C 91 1.82 7.46 33.44
N ILE C 92 2.85 8.31 33.32
CA ILE C 92 4.03 8.25 34.17
C ILE C 92 4.22 9.61 34.82
N LEU C 93 4.50 9.61 36.13
CA LEU C 93 4.96 10.79 36.83
C LEU C 93 6.49 10.67 36.98
N TRP C 94 7.21 11.62 36.36
CA TRP C 94 8.68 11.69 36.47
C TRP C 94 9.04 12.60 37.62
N ASP C 95 10.04 12.19 38.40
CA ASP C 95 10.67 13.06 39.40
C ASP C 95 11.93 13.66 38.75
N LEU C 96 11.89 14.95 38.44
CA LEU C 96 13.02 15.55 37.72
C LEU C 96 14.21 15.83 38.63
N GLN C 97 14.07 15.65 39.94
CA GLN C 97 15.28 15.77 40.77
C GLN C 97 16.33 14.73 40.37
N ASP C 98 15.91 13.53 39.92
CA ASP C 98 16.88 12.54 39.46
C ASP C 98 16.48 11.80 38.19
N GLY C 99 15.46 12.27 37.46
CA GLY C 99 15.08 11.60 36.24
C GLY C 99 14.39 10.27 36.44
N LYS C 100 13.99 9.97 37.66
CA LYS C 100 13.43 8.66 37.95
C LYS C 100 11.96 8.63 37.56
N ARG C 101 11.51 7.46 37.16
CA ARG C 101 10.10 7.19 36.97
C ARG C 101 9.52 6.96 38.35
N TYR C 102 8.75 7.92 38.82
CA TYR C 102 8.35 7.94 40.23
C TYR C 102 7.04 7.21 40.44
N ARG C 103 6.09 7.36 39.50
CA ARG C 103 4.81 6.67 39.51
C ARG C 103 4.42 6.30 38.09
N GLU C 104 3.73 5.18 37.94
CA GLU C 104 3.33 4.74 36.62
C GLU C 104 1.98 4.08 36.74
N VAL C 105 1.04 4.45 35.86
CA VAL C 105 -0.30 3.87 35.86
C VAL C 105 -0.59 3.35 34.44
N ARG C 106 -1.13 2.13 34.34
CA ARG C 106 -1.44 1.51 33.07
C ARG C 106 -2.95 1.36 32.96
N PHE C 107 -3.55 1.99 31.95
CA PHE C 107 -4.98 1.90 31.73
C PHE C 107 -5.26 0.77 30.75
N ARG C 108 -6.50 0.62 30.34
CA ARG C 108 -6.80 -0.38 29.31
C ARG C 108 -6.96 0.21 27.92
N ALA C 109 -6.72 1.51 27.75
CA ALA C 109 -7.06 2.22 26.53
C ALA C 109 -6.07 3.35 26.30
N PRO C 110 -5.87 3.77 25.04
CA PRO C 110 -5.10 5.00 24.78
C PRO C 110 -5.58 6.17 25.64
N VAL C 111 -4.62 6.99 26.07
CA VAL C 111 -4.91 8.14 26.92
C VAL C 111 -5.02 9.36 26.02
N TYR C 112 -6.21 9.97 25.96
CA TYR C 112 -6.32 11.29 25.30
C TYR C 112 -5.44 12.30 25.97
N GLY C 113 -5.43 12.30 27.30
CA GLY C 113 -4.63 13.26 28.02
C GLY C 113 -4.79 13.08 29.53
N ALA C 114 -3.78 13.49 30.28
CA ALA C 114 -3.78 13.42 31.73
C ALA C 114 -3.26 14.73 32.29
N GLU C 115 -3.94 15.25 33.29
CA GLU C 115 -3.56 16.52 33.90
C GLU C 115 -3.36 16.35 35.41
N LEU C 116 -2.28 16.94 35.94
CA LEU C 116 -2.10 16.91 37.39
C LEU C 116 -3.02 17.89 38.10
N HIS C 117 -3.40 17.51 39.30
CA HIS C 117 -4.12 18.40 40.21
C HIS C 117 -3.26 19.66 40.46
N PRO C 118 -3.85 20.86 40.40
CA PRO C 118 -3.04 22.10 40.50
C PRO C 118 -2.32 22.30 41.80
N TRP C 119 -2.72 21.63 42.88
CA TRP C 119 -2.08 21.77 44.16
C TRP C 119 -1.41 20.48 44.66
N ASN C 120 -1.58 19.37 43.96
CA ASN C 120 -1.19 18.07 44.48
C ASN C 120 -0.62 17.24 43.35
N HIS C 121 0.70 17.04 43.32
CA HIS C 121 1.22 16.17 42.25
C HIS C 121 0.95 14.66 42.48
N HIS C 122 0.19 14.25 43.49
CA HIS C 122 -0.19 12.85 43.65
C HIS C 122 -1.61 12.56 43.19
N GLN C 123 -2.21 13.45 42.40
CA GLN C 123 -3.52 13.14 41.82
C GLN C 123 -3.51 13.63 40.38
N PHE C 124 -4.10 12.85 39.49
CA PHE C 124 -4.32 13.35 38.13
C PHE C 124 -5.67 12.92 37.63
N ALA C 125 -6.13 13.55 36.55
CA ALA C 125 -7.36 13.15 35.89
C ALA C 125 -7.05 12.86 34.43
N ALA C 126 -7.68 11.82 33.86
CA ALA C 126 -7.40 11.43 32.49
C ALA C 126 -8.67 11.12 31.71
N ALA C 127 -8.68 11.46 30.42
CA ALA C 127 -9.69 10.99 29.47
C ALA C 127 -9.08 9.87 28.64
N LEU C 128 -9.88 8.82 28.40
CA LEU C 128 -9.40 7.59 27.78
C LEU C 128 -10.19 7.35 26.50
N PHE C 129 -9.50 6.97 25.44
CA PHE C 129 -10.17 6.60 24.19
C PHE C 129 -11.12 5.44 24.40
N GLU C 130 -12.40 5.68 24.07
CA GLU C 130 -13.49 4.70 24.16
C GLU C 130 -13.52 4.02 25.53
N ASP C 131 -13.34 4.80 26.58
CA ASP C 131 -13.38 4.25 27.94
C ASP C 131 -13.70 5.39 28.90
N GLN C 132 -14.03 5.01 30.13
CA GLN C 132 -14.54 5.99 31.07
C GLN C 132 -13.40 6.84 31.62
N PRO C 133 -13.65 8.11 31.90
CA PRO C 133 -12.58 8.95 32.43
C PRO C 133 -12.31 8.57 33.88
N MET C 134 -11.12 8.98 34.37
CA MET C 134 -10.58 8.48 35.63
C MET C 134 -9.96 9.61 36.41
N LEU C 135 -10.14 9.56 37.73
CA LEU C 135 -9.37 10.38 38.66
C LEU C 135 -8.49 9.39 39.41
N VAL C 136 -7.17 9.65 39.46
CA VAL C 136 -6.24 8.65 39.96
C VAL C 136 -5.39 9.23 41.06
N ASP C 137 -5.34 8.52 42.19
CA ASP C 137 -4.59 8.92 43.37
C ASP C 137 -3.29 8.14 43.29
N ILE C 138 -2.18 8.83 43.09
CA ILE C 138 -0.90 8.15 42.96
C ILE C 138 0.00 8.46 44.15
N THR C 139 -0.58 8.72 45.33
CA THR C 139 0.28 8.91 46.52
C THR C 139 1.17 7.69 46.75
N GLU C 140 0.61 6.47 46.57
CA GLU C 140 1.36 5.25 46.81
C GLU C 140 1.66 4.52 45.51
N PRO C 141 2.64 3.60 45.51
CA PRO C 141 2.92 2.78 44.30
C PRO C 141 1.70 2.06 43.73
N VAL C 142 0.79 1.60 44.58
CA VAL C 142 -0.52 1.12 44.14
C VAL C 142 -1.49 2.29 44.05
N GLU C 143 -1.94 2.58 42.84
CA GLU C 143 -2.82 3.71 42.70
C GLU C 143 -4.23 3.38 43.18
N VAL C 144 -5.00 4.44 43.43
CA VAL C 144 -6.44 4.35 43.60
C VAL C 144 -7.10 5.02 42.40
N ARG C 145 -8.01 4.30 41.72
CA ARG C 145 -8.65 4.79 40.51
C ARG C 145 -10.12 5.04 40.78
N TYR C 146 -10.58 6.26 40.53
CA TYR C 146 -11.97 6.67 40.70
C TYR C 146 -12.59 6.86 39.33
N VAL C 147 -13.63 6.10 39.02
CA VAL C 147 -14.31 6.32 37.74
C VAL C 147 -15.11 7.60 37.81
N LEU C 148 -15.04 8.41 36.74
CA LEU C 148 -15.82 9.64 36.61
C LEU C 148 -16.99 9.47 35.65
N PRO C 149 -18.09 10.17 35.90
CA PRO C 149 -19.24 10.08 35.01
C PRO C 149 -19.10 10.94 33.77
N SER C 150 -19.83 10.55 32.72
CA SER C 150 -19.87 11.32 31.47
CA SER C 150 -19.86 11.31 31.48
C SER C 150 -21.24 11.86 31.16
N VAL C 151 -22.27 11.41 31.88
CA VAL C 151 -23.65 11.80 31.63
CA VAL C 151 -23.66 11.77 31.63
C VAL C 151 -24.37 11.87 32.97
N PRO C 152 -25.17 12.92 33.21
CA PRO C 152 -25.88 13.06 34.49
C PRO C 152 -26.73 11.84 34.85
N LYS C 153 -26.70 11.48 36.14
CA LYS C 153 -27.33 10.25 36.67
C LYS C 153 -28.85 10.16 36.41
N LYS C 166 -34.67 1.76 26.22
CA LYS C 166 -33.69 2.25 25.26
C LYS C 166 -32.70 3.26 25.92
N GLN C 167 -32.39 3.05 27.20
CA GLN C 167 -31.75 4.08 28.02
C GLN C 167 -30.24 3.94 28.14
N ALA C 168 -29.75 2.82 28.68
CA ALA C 168 -28.31 2.64 28.86
C ALA C 168 -27.54 2.64 27.53
N LYS C 169 -28.19 2.34 26.41
CA LYS C 169 -27.51 2.24 25.12
C LYS C 169 -26.97 3.59 24.66
N GLU C 170 -27.86 4.57 24.52
CA GLU C 170 -27.41 5.88 24.04
C GLU C 170 -26.67 6.65 25.12
N ASP C 171 -26.93 6.40 26.41
CA ASP C 171 -26.05 7.00 27.42
C ASP C 171 -24.62 6.58 27.19
N ALA C 172 -24.41 5.30 26.81
CA ALA C 172 -23.05 4.86 26.52
C ALA C 172 -22.41 5.60 25.36
N LYS C 173 -23.18 6.36 24.57
CA LYS C 173 -22.56 7.10 23.48
C LYS C 173 -21.93 8.41 23.98
N HIS C 174 -22.30 8.85 25.17
CA HIS C 174 -21.71 10.04 25.75
C HIS C 174 -20.38 9.67 26.38
N MET C 175 -19.28 10.10 25.78
CA MET C 175 -17.96 9.72 26.25
C MET C 175 -17.09 10.94 26.44
N THR C 176 -16.28 10.91 27.48
CA THR C 176 -15.47 12.09 27.84
C THR C 176 -14.19 12.10 27.03
N THR C 177 -13.94 13.20 26.35
CA THR C 177 -12.78 13.30 25.46
C THR C 177 -11.76 14.34 25.92
N ALA C 178 -12.06 15.14 26.93
CA ALA C 178 -11.09 16.07 27.47
C ALA C 178 -11.52 16.41 28.88
N ILE C 179 -10.54 16.73 29.72
CA ILE C 179 -10.82 16.96 31.13
C ILE C 179 -9.69 17.79 31.74
N VAL C 180 -10.05 18.86 32.46
CA VAL C 180 -9.07 19.69 33.17
C VAL C 180 -9.58 19.97 34.59
N TYR C 181 -8.66 20.30 35.49
CA TYR C 181 -9.04 20.78 36.79
C TYR C 181 -9.38 22.27 36.75
N THR C 182 -10.27 22.69 37.63
CA THR C 182 -10.42 24.11 37.90
C THR C 182 -9.20 24.55 38.68
N ALA C 183 -9.05 25.87 38.86
CA ALA C 183 -7.81 26.36 39.46
C ALA C 183 -7.63 25.86 40.89
N SER C 184 -8.72 25.64 41.61
CA SER C 184 -8.58 25.18 42.99
C SER C 184 -8.42 23.65 43.08
N GLY C 185 -8.74 22.93 42.04
CA GLY C 185 -8.68 21.48 42.07
C GLY C 185 -9.89 20.81 42.67
N ASP C 186 -10.85 21.60 43.18
CA ASP C 186 -12.08 21.07 43.79
C ASP C 186 -13.07 20.53 42.75
N HIS C 187 -12.94 20.97 41.50
CA HIS C 187 -13.83 20.55 40.41
C HIS C 187 -13.03 20.22 39.14
N LEU C 188 -13.68 19.47 38.27
CA LEU C 188 -13.15 19.15 36.97
C LEU C 188 -14.14 19.66 35.95
N LEU C 189 -13.64 20.07 34.80
CA LEU C 189 -14.46 20.44 33.66
C LEU C 189 -14.16 19.40 32.59
N ALA C 190 -15.18 18.75 32.08
CA ALA C 190 -14.96 17.65 31.15
C ALA C 190 -15.80 17.87 29.90
N GLY C 191 -15.22 17.62 28.72
CA GLY C 191 -15.95 17.71 27.46
C GLY C 191 -16.21 16.34 26.87
N THR C 192 -17.33 16.20 26.15
CA THR C 192 -17.77 14.87 25.73
C THR C 192 -17.92 14.81 24.22
N THR C 193 -18.09 13.59 23.72
CA THR C 193 -18.40 13.36 22.32
C THR C 193 -19.70 14.02 21.85
N LYS C 194 -20.62 14.37 22.76
CA LYS C 194 -21.89 14.98 22.36
C LYS C 194 -21.91 16.49 22.61
N GLY C 195 -20.76 17.11 22.67
CA GLY C 195 -20.73 18.56 22.76
C GLY C 195 -21.09 19.10 24.11
N ARG C 196 -21.11 18.26 25.16
CA ARG C 196 -21.49 18.69 26.50
C ARG C 196 -20.27 19.10 27.29
N LEU C 197 -20.44 20.09 28.15
CA LEU C 197 -19.47 20.43 29.18
C LEU C 197 -20.07 19.98 30.51
N ASN C 198 -19.36 19.09 31.22
CA ASN C 198 -19.75 18.63 32.55
C ASN C 198 -18.86 19.28 33.57
N ILE C 199 -19.47 19.84 34.62
CA ILE C 199 -18.72 20.29 35.79
C ILE C 199 -18.87 19.21 36.87
N ILE C 200 -17.78 18.62 37.29
CA ILE C 200 -17.78 17.47 38.19
C ILE C 200 -17.18 17.90 39.53
N ASP C 201 -17.89 17.60 40.63
CA ASP C 201 -17.32 17.79 41.97
C ASP C 201 -16.25 16.73 42.17
N ALA C 202 -15.02 17.16 42.38
CA ALA C 202 -13.93 16.18 42.36
C ALA C 202 -13.88 15.31 43.62
N ARG C 203 -14.60 15.68 44.68
CA ARG C 203 -14.68 14.86 45.89
C ARG C 203 -15.85 13.88 45.86
N THR C 204 -17.02 14.31 45.38
CA THR C 204 -18.14 13.37 45.25
C THR C 204 -18.11 12.65 43.92
N ARG C 205 -17.39 13.19 42.95
CA ARG C 205 -17.32 12.61 41.61
C ARG C 205 -18.69 12.65 40.94
N GLU C 206 -19.51 13.64 41.25
CA GLU C 206 -20.82 13.76 40.63
C GLU C 206 -20.82 14.95 39.69
N ILE C 207 -21.62 14.86 38.63
CA ILE C 207 -21.82 16.03 37.76
C ILE C 207 -22.81 16.96 38.45
N ILE C 208 -22.40 18.21 38.69
CA ILE C 208 -23.25 19.21 39.35
C ILE C 208 -23.85 20.18 38.38
N TYR C 209 -23.36 20.22 37.15
CA TYR C 209 -23.89 21.08 36.12
C TYR C 209 -23.44 20.51 34.79
N SER C 210 -24.31 20.57 33.79
CA SER C 210 -23.98 20.07 32.47
C SER C 210 -24.68 20.95 31.47
N GLU C 211 -24.00 21.32 30.38
CA GLU C 211 -24.62 22.14 29.34
C GLU C 211 -24.12 21.70 27.96
N LYS C 212 -25.02 21.64 26.97
CA LYS C 212 -24.55 21.38 25.62
C LYS C 212 -24.01 22.69 25.08
N ILE C 213 -22.70 22.78 24.89
CA ILE C 213 -22.05 24.00 24.41
C ILE C 213 -21.57 23.92 22.97
N ALA C 214 -21.54 22.73 22.35
CA ALA C 214 -21.01 22.55 21.00
C ALA C 214 -21.83 21.50 20.29
N SER C 215 -21.73 21.48 18.96
CA SER C 215 -22.46 20.50 18.18
C SER C 215 -21.53 19.46 17.56
N GLY C 216 -20.55 18.99 18.32
CA GLY C 216 -19.81 17.80 17.99
C GLY C 216 -18.82 17.48 19.12
N ILE C 217 -17.85 16.60 18.84
CA ILE C 217 -16.87 16.18 19.84
C ILE C 217 -16.03 17.35 20.34
N ILE C 218 -15.93 17.46 21.65
CA ILE C 218 -15.07 18.46 22.24
C ILE C 218 -13.68 17.87 22.34
N THR C 219 -12.70 18.54 21.77
CA THR C 219 -11.38 17.94 21.67
C THR C 219 -10.32 18.60 22.54
N THR C 220 -10.51 19.87 22.92
CA THR C 220 -9.55 20.56 23.83
C THR C 220 -10.29 21.45 24.82
N LEU C 221 -9.84 21.42 26.09
CA LEU C 221 -10.26 22.36 27.12
C LEU C 221 -9.01 22.97 27.70
N ARG C 222 -9.00 24.28 27.88
CA ARG C 222 -7.89 24.92 28.56
C ARG C 222 -8.39 26.12 29.36
N LEU C 223 -7.82 26.34 30.56
CA LEU C 223 -8.19 27.48 31.40
C LEU C 223 -7.09 28.52 31.37
N THR C 224 -7.48 29.76 31.55
CA THR C 224 -6.50 30.81 31.81
C THR C 224 -5.80 30.54 33.15
N GLU C 225 -4.66 31.23 33.35
CA GLU C 225 -3.96 30.98 34.61
C GLU C 225 -4.79 31.38 35.82
N SER C 226 -5.62 32.41 35.70
CA SER C 226 -6.54 32.79 36.76
C SER C 226 -7.63 31.74 37.00
N GLY C 227 -7.84 30.80 36.07
CA GLY C 227 -8.95 29.87 36.15
C GLY C 227 -10.31 30.48 35.83
N ARG C 228 -10.36 31.73 35.38
CA ARG C 228 -11.63 32.40 35.20
C ARG C 228 -12.21 32.26 33.79
N GLU C 229 -11.40 31.83 32.81
CA GLU C 229 -11.90 31.70 31.45
C GLU C 229 -11.46 30.35 30.91
N LEU C 230 -12.36 29.75 30.13
CA LEU C 230 -12.22 28.41 29.61
C LEU C 230 -12.19 28.50 28.09
N LEU C 231 -11.24 27.83 27.45
CA LEU C 231 -11.15 27.79 26.00
C LEU C 231 -11.56 26.40 25.56
N VAL C 232 -12.42 26.31 24.55
CA VAL C 232 -12.99 25.03 24.12
C VAL C 232 -12.79 24.91 22.63
N ASN C 233 -12.16 23.81 22.18
CA ASN C 233 -12.20 23.47 20.75
C ASN C 233 -13.13 22.29 20.53
N ALA C 234 -13.84 22.29 19.40
CA ALA C 234 -14.80 21.21 19.11
C ALA C 234 -14.89 21.02 17.61
N GLN C 235 -15.49 19.90 17.22
CA GLN C 235 -15.53 19.53 15.80
C GLN C 235 -16.52 20.34 14.99
N ASP C 236 -17.33 21.20 15.61
CA ASP C 236 -18.18 22.07 14.81
C ASP C 236 -17.45 23.33 14.30
N ARG C 237 -16.12 23.36 14.40
CA ARG C 237 -15.27 24.36 13.74
C ARG C 237 -15.46 25.78 14.28
N ILE C 238 -15.89 25.88 15.54
CA ILE C 238 -16.00 27.14 16.26
C ILE C 238 -15.21 26.99 17.55
N ILE C 239 -14.25 27.88 17.77
CA ILE C 239 -13.51 27.90 19.04
C ILE C 239 -14.27 28.83 19.95
N ARG C 240 -14.42 28.46 21.22
CA ARG C 240 -15.25 29.24 22.11
C ARG C 240 -14.53 29.55 23.40
N THR C 241 -14.84 30.72 23.99
CA THR C 241 -14.40 31.02 25.35
C THR C 241 -15.63 31.26 26.22
N PHE C 242 -15.51 30.87 27.48
CA PHE C 242 -16.60 30.89 28.43
C PHE C 242 -16.12 31.52 29.71
N ILE C 243 -17.04 32.14 30.44
CA ILE C 243 -16.74 32.70 31.76
C ILE C 243 -17.02 31.62 32.80
N VAL C 244 -15.98 31.17 33.50
CA VAL C 244 -16.06 30.06 34.46
C VAL C 244 -16.77 30.54 35.73
N PRO C 245 -17.73 29.79 36.26
CA PRO C 245 -18.39 30.16 37.52
C PRO C 245 -17.45 30.02 38.73
N ASN C 246 -17.88 30.59 39.86
CA ASN C 246 -17.06 30.57 41.09
C ASN C 246 -17.31 29.26 41.85
N LEU C 247 -16.70 28.22 41.37
CA LEU C 247 -17.03 26.89 41.88
C LEU C 247 -16.41 26.61 43.24
N SER C 248 -15.28 27.25 43.58
CA SER C 248 -14.71 26.97 44.89
C SER C 248 -15.33 27.81 46.00
N ALA C 249 -16.27 28.70 45.66
CA ALA C 249 -16.99 29.42 46.69
C ALA C 249 -17.71 28.46 47.64
N ALA C 250 -17.56 28.69 48.95
CA ALA C 250 -18.31 27.93 49.93
C ALA C 250 -19.82 28.11 49.77
N ASP C 251 -20.27 29.30 49.37
CA ASP C 251 -21.67 29.55 49.08
C ASP C 251 -22.13 29.00 47.73
N LEU C 252 -21.38 28.08 47.11
CA LEU C 252 -21.75 27.60 45.77
C LEU C 252 -23.17 27.04 45.80
N ASP C 253 -24.07 27.64 45.02
CA ASP C 253 -25.40 27.06 44.79
C ASP C 253 -25.40 26.42 43.40
N PRO C 254 -25.34 25.10 43.30
CA PRO C 254 -25.21 24.49 41.98
C PRO C 254 -26.44 24.74 41.10
N ASP C 255 -27.58 25.04 41.71
CA ASP C 255 -28.75 25.42 40.93
C ASP C 255 -28.62 26.76 40.22
N THR C 256 -27.67 27.60 40.60
CA THR C 256 -27.53 28.87 39.92
C THR C 256 -26.35 28.91 38.98
N ILE C 257 -25.58 27.82 38.81
CA ILE C 257 -24.38 27.89 38.00
C ILE C 257 -24.77 28.25 36.57
N GLN C 258 -24.02 29.18 35.99
CA GLN C 258 -24.14 29.52 34.59
C GLN C 258 -22.74 29.53 33.98
N LEU C 259 -22.68 29.22 32.67
CA LEU C 259 -21.44 29.16 31.90
C LEU C 259 -21.57 30.08 30.67
N PRO C 260 -21.60 31.41 30.88
CA PRO C 260 -21.90 32.29 29.74
C PRO C 260 -20.81 32.30 28.67
N LEU C 261 -21.23 32.36 27.41
CA LEU C 261 -20.28 32.43 26.32
C LEU C 261 -19.65 33.81 26.27
N GLU C 262 -18.35 33.87 26.02
CA GLU C 262 -17.62 35.13 25.83
C GLU C 262 -17.49 35.41 24.34
N HIS C 263 -16.62 34.66 23.67
CA HIS C 263 -16.34 34.85 22.25
C HIS C 263 -16.46 33.55 21.48
N LYS C 264 -16.75 33.69 20.19
CA LYS C 264 -16.70 32.62 19.20
C LYS C 264 -15.66 33.01 18.17
N PHE C 265 -14.68 32.15 17.95
CA PHE C 265 -13.67 32.38 16.92
C PHE C 265 -13.86 31.36 15.81
N GLN C 266 -14.05 31.85 14.60
CA GLN C 266 -14.42 30.98 13.48
C GLN C 266 -14.01 31.67 12.20
N ASP C 267 -13.92 30.86 11.13
CA ASP C 267 -13.61 31.36 9.82
C ASP C 267 -14.92 31.37 9.04
N VAL C 268 -15.47 32.57 8.81
CA VAL C 268 -16.74 32.60 8.10
C VAL C 268 -16.58 32.51 6.59
N VAL C 269 -15.35 32.41 6.10
CA VAL C 269 -15.19 32.27 4.65
C VAL C 269 -15.17 30.81 4.24
N ASN C 270 -14.32 30.02 4.87
CA ASN C 270 -14.18 28.62 4.49
C ASN C 270 -14.45 27.67 5.63
N ARG C 271 -14.83 28.16 6.81
CA ARG C 271 -15.13 27.31 7.97
C ARG C 271 -14.00 26.28 8.15
N LEU C 272 -12.78 26.77 8.13
CA LEU C 272 -11.66 25.94 8.55
C LEU C 272 -11.94 25.19 9.85
N SER C 273 -11.45 23.97 9.93
CA SER C 273 -11.40 23.23 11.18
CA SER C 273 -11.38 23.19 11.17
C SER C 273 -10.08 23.49 11.91
N TRP C 274 -10.12 23.46 13.23
CA TRP C 274 -8.96 23.80 14.07
C TRP C 274 -8.38 22.57 14.74
N ASN C 275 -7.07 22.35 14.58
CA ASN C 275 -6.35 21.22 15.15
C ASN C 275 -6.21 21.38 16.67
N HIS C 276 -5.48 22.39 17.12
CA HIS C 276 -5.21 22.58 18.53
CA HIS C 276 -5.20 22.58 18.52
C HIS C 276 -5.33 24.08 18.84
N VAL C 277 -5.67 24.41 20.09
CA VAL C 277 -5.83 25.81 20.51
C VAL C 277 -5.06 26.07 21.80
N ALA C 278 -4.79 27.35 22.04
CA ALA C 278 -4.07 27.70 23.26
C ALA C 278 -4.32 29.17 23.62
N PHE C 279 -4.34 29.47 24.93
CA PHE C 279 -4.37 30.85 25.41
C PHE C 279 -2.95 31.39 25.55
N SER C 280 -2.77 32.68 25.31
CA SER C 280 -1.48 33.29 25.63
C SER C 280 -1.33 33.44 27.14
N ALA C 281 -0.11 33.81 27.56
CA ALA C 281 0.26 33.90 28.98
C ALA C 281 -0.78 34.66 29.78
N THR C 282 -1.16 35.85 29.30
CA THR C 282 -2.08 36.68 30.06
C THR C 282 -3.53 36.48 29.65
N GLY C 283 -3.76 35.56 28.75
CA GLY C 283 -5.08 35.39 28.17
C GLY C 283 -5.44 36.43 27.14
N GLU C 284 -4.51 37.28 26.71
CA GLU C 284 -4.87 38.32 25.73
C GLU C 284 -5.28 37.70 24.40
N TYR C 285 -4.57 36.64 24.00
CA TYR C 285 -4.73 36.05 22.68
C TYR C 285 -5.14 34.60 22.81
N VAL C 286 -5.84 34.18 21.77
CA VAL C 286 -6.15 32.78 21.48
C VAL C 286 -5.47 32.41 20.15
N ALA C 287 -4.74 31.28 20.12
CA ALA C 287 -4.11 30.81 18.91
C ALA C 287 -4.70 29.45 18.54
N ALA C 288 -4.67 29.15 17.23
CA ALA C 288 -5.14 27.85 16.74
C ALA C 288 -4.29 27.42 15.56
N SER C 289 -3.92 26.12 15.53
CA SER C 289 -3.41 25.55 14.30
C SER C 289 -4.58 25.04 13.44
N THR C 290 -4.34 24.94 12.16
CA THR C 290 -5.38 24.74 11.15
C THR C 290 -5.32 23.33 10.60
N TYR C 291 -6.46 22.64 10.60
CA TYR C 291 -6.53 21.34 9.92
CA TYR C 291 -6.53 21.35 9.92
C TYR C 291 -6.19 21.50 8.44
N ASN C 292 -5.30 20.64 7.95
CA ASN C 292 -4.94 20.50 6.55
C ASN C 292 -4.28 21.72 5.96
N ASN C 293 -3.88 22.69 6.77
CA ASN C 293 -3.31 23.92 6.27
C ASN C 293 -2.06 24.26 7.09
N HIS C 294 -1.28 25.21 6.56
CA HIS C 294 0.02 25.50 7.15
C HIS C 294 -0.02 26.62 8.17
N GLU C 295 -1.14 27.35 8.26
CA GLU C 295 -1.22 28.61 8.98
C GLU C 295 -1.58 28.43 10.46
N LEU C 296 -1.15 29.39 11.28
CA LEU C 296 -1.67 29.58 12.64
C LEU C 296 -2.47 30.86 12.68
N TYR C 297 -3.64 30.84 13.32
CA TYR C 297 -4.49 32.03 13.48
C TYR C 297 -4.39 32.50 14.91
N ILE C 298 -4.32 33.82 15.08
CA ILE C 298 -4.25 34.45 16.42
C ILE C 298 -5.39 35.47 16.46
N TRP C 299 -6.27 35.33 17.46
CA TRP C 299 -7.31 36.31 17.75
C TRP C 299 -7.04 37.00 19.07
N GLU C 300 -7.63 38.19 19.24
CA GLU C 300 -7.50 38.90 20.51
C GLU C 300 -8.83 38.88 21.26
N ARG C 301 -8.75 38.72 22.57
CA ARG C 301 -9.96 38.57 23.37
C ARG C 301 -10.59 39.88 23.77
N GLY C 302 -9.93 41.02 23.56
CA GLY C 302 -10.58 42.30 23.84
C GLY C 302 -11.89 42.46 23.09
N HIS C 303 -11.87 42.24 21.77
CA HIS C 303 -13.08 42.34 20.96
C HIS C 303 -13.34 41.10 20.14
N GLY C 304 -12.47 40.12 20.15
CA GLY C 304 -12.73 38.91 19.40
C GLY C 304 -12.25 38.90 17.97
N SER C 305 -11.45 39.86 17.57
CA SER C 305 -11.07 40.01 16.18
C SER C 305 -9.82 39.20 15.87
N LEU C 306 -9.64 38.89 14.58
CA LEU C 306 -8.46 38.17 14.13
C LEU C 306 -7.30 39.16 14.07
N VAL C 307 -6.15 38.82 14.65
CA VAL C 307 -5.10 39.83 14.54
C VAL C 307 -3.89 39.42 13.70
N ARG C 308 -3.65 38.12 13.54
CA ARG C 308 -2.51 37.65 12.79
C ARG C 308 -2.78 36.26 12.27
N MET C 309 -2.21 35.98 11.08
CA MET C 309 -2.04 34.62 10.56
C MET C 309 -0.54 34.39 10.42
N LEU C 310 -0.02 33.38 11.09
CA LEU C 310 1.41 33.11 11.03
C LEU C 310 1.71 32.16 9.87
N GLU C 311 2.43 32.67 8.87
CA GLU C 311 2.95 31.94 7.71
C GLU C 311 3.79 30.68 7.84
N GLY C 312 4.85 30.78 8.62
CA GLY C 312 5.65 29.66 9.01
C GLY C 312 6.19 28.66 8.01
N PRO C 313 6.59 27.50 8.52
CA PRO C 313 7.16 26.47 7.66
C PRO C 313 6.13 25.87 6.73
N LYS C 314 6.59 24.96 5.88
CA LYS C 314 5.76 24.45 4.81
C LYS C 314 5.09 23.15 5.22
N GLU C 315 4.50 23.14 6.41
CA GLU C 315 3.81 21.92 6.82
C GLU C 315 2.63 22.27 7.71
N GLU C 316 1.74 21.29 7.85
CA GLU C 316 0.61 21.42 8.77
C GLU C 316 1.11 21.43 10.23
N GLN C 317 0.50 22.24 11.08
CA GLN C 317 0.94 22.36 12.46
C GLN C 317 -0.03 21.61 13.35
N GLY C 318 0.50 21.04 14.42
CA GLY C 318 -0.26 20.25 15.34
C GLY C 318 -0.50 20.94 16.67
N VAL C 319 0.10 20.37 17.71
CA VAL C 319 -0.04 20.88 19.06
C VAL C 319 0.70 22.22 19.14
N ILE C 320 0.07 23.21 19.82
CA ILE C 320 0.68 24.53 20.03
C ILE C 320 0.60 24.87 21.52
N GLU C 321 1.46 25.79 21.93
CA GLU C 321 1.61 26.08 23.34
C GLU C 321 2.25 27.46 23.42
N TRP C 322 1.66 28.38 24.20
CA TRP C 322 2.28 29.67 24.45
C TRP C 322 3.22 29.60 25.66
N HIS C 323 4.30 30.36 25.58
CA HIS C 323 5.17 30.49 26.74
C HIS C 323 4.39 31.15 27.90
N PRO C 324 4.66 30.78 29.16
CA PRO C 324 3.84 31.29 30.28
C PRO C 324 4.14 32.71 30.66
N HIS C 325 5.23 33.33 30.18
CA HIS C 325 5.52 34.74 30.53
C HIS C 325 5.78 35.65 29.37
N ARG C 326 6.23 35.15 28.22
CA ARG C 326 6.66 35.93 27.06
C ARG C 326 5.80 35.66 25.85
N ALA C 327 5.89 36.57 24.86
CA ALA C 327 5.05 36.51 23.66
C ALA C 327 5.70 35.56 22.63
N LEU C 328 5.69 34.28 22.99
CA LEU C 328 6.32 33.17 22.27
C LEU C 328 5.33 32.04 22.13
N LEU C 329 5.20 31.51 20.92
CA LEU C 329 4.24 30.44 20.66
C LEU C 329 4.99 29.28 20.04
N ALA C 330 4.94 28.10 20.66
CA ALA C 330 5.63 26.92 20.13
C ALA C 330 4.60 26.07 19.39
N ALA C 331 5.00 25.46 18.28
CA ALA C 331 4.13 24.63 17.43
C ALA C 331 4.91 23.41 16.95
N CYS C 332 4.28 22.22 17.04
CA CYS C 332 4.85 21.00 16.50
C CYS C 332 4.41 20.78 15.06
N GLY C 333 5.37 20.58 14.15
CA GLY C 333 5.02 20.27 12.77
C GLY C 333 4.56 18.82 12.60
N LEU C 334 3.45 18.62 11.87
CA LEU C 334 2.89 17.26 11.83
C LEU C 334 3.67 16.35 10.92
N GLU C 335 4.37 16.90 9.93
CA GLU C 335 5.11 16.04 8.99
C GLU C 335 6.57 15.83 9.39
N THR C 336 7.23 16.83 9.97
CA THR C 336 8.65 16.74 10.31
C THR C 336 8.90 16.45 11.78
N GLY C 337 7.97 16.82 12.66
CA GLY C 337 8.17 16.74 14.08
C GLY C 337 9.03 17.84 14.64
N ARG C 338 9.36 18.87 13.84
CA ARG C 338 10.10 20.01 14.38
C ARG C 338 9.23 20.86 15.27
N ILE C 339 9.90 21.57 16.17
CA ILE C 339 9.24 22.55 17.03
C ILE C 339 9.66 23.91 16.52
N ASN C 340 8.68 24.71 16.15
CA ASN C 340 8.93 26.09 15.72
C ASN C 340 8.43 27.04 16.80
N ILE C 341 9.24 28.03 17.15
CA ILE C 341 8.87 29.00 18.17
C ILE C 341 8.76 30.36 17.50
N TRP C 342 7.57 30.95 17.54
CA TRP C 342 7.31 32.25 16.95
C TRP C 342 7.31 33.36 18.00
N SER C 343 7.86 34.52 17.62
CA SER C 343 7.65 35.78 18.36
CA SER C 343 7.64 35.76 18.36
C SER C 343 6.35 36.42 17.88
N VAL C 344 5.40 36.64 18.79
CA VAL C 344 4.06 37.12 18.43
C VAL C 344 3.85 38.54 18.96
N THR C 345 3.38 39.44 18.09
CA THR C 345 3.38 40.90 18.34
C THR C 345 1.97 41.53 18.37
N PRO D 16 -34.32 7.67 7.52
CA PRO D 16 -34.18 6.38 6.84
C PRO D 16 -34.27 6.52 5.33
N GLU D 17 -33.96 5.44 4.60
CA GLU D 17 -34.05 5.43 3.15
C GLU D 17 -35.50 5.34 2.70
N ASN D 18 -35.95 6.26 1.86
CA ASN D 18 -37.31 6.25 1.33
CA ASN D 18 -37.31 6.24 1.34
C ASN D 18 -37.23 6.11 -0.18
N ILE D 19 -37.65 4.97 -0.72
CA ILE D 19 -37.68 4.80 -2.16
C ILE D 19 -39.11 5.09 -2.62
N THR D 20 -39.22 6.27 -3.23
CA THR D 20 -40.43 6.99 -3.59
C THR D 20 -41.23 6.23 -4.64
N ASN D 21 -40.52 5.63 -5.56
CA ASN D 21 -41.09 4.88 -6.63
C ASN D 21 -40.04 3.88 -7.08
N THR D 22 -40.51 2.72 -7.44
CA THR D 22 -39.78 1.84 -8.35
C THR D 22 -40.62 1.73 -9.61
N ILE D 23 -39.99 1.87 -10.76
CA ILE D 23 -40.69 1.69 -12.04
C ILE D 23 -39.81 0.80 -12.91
N ARG D 24 -40.44 0.06 -13.84
CA ARG D 24 -39.71 -0.78 -14.78
C ARG D 24 -40.50 -0.84 -16.09
N SER D 25 -39.82 -0.55 -17.18
CA SER D 25 -40.32 -0.79 -18.53
C SER D 25 -39.11 -1.26 -19.30
N GLY D 26 -39.00 -2.57 -19.56
CA GLY D 26 -37.79 -3.13 -20.12
C GLY D 26 -36.62 -2.93 -19.12
N HIS D 27 -35.40 -3.17 -19.63
CA HIS D 27 -34.19 -3.12 -18.80
C HIS D 27 -33.56 -1.76 -19.02
N SER D 28 -33.70 -0.85 -18.05
CA SER D 28 -33.23 0.52 -18.25
CA SER D 28 -33.24 0.52 -18.25
C SER D 28 -31.72 0.56 -18.15
N THR D 29 -31.09 1.27 -19.09
CA THR D 29 -29.64 1.49 -19.12
C THR D 29 -29.30 2.97 -18.96
N CYS D 30 -30.30 3.85 -18.87
CA CYS D 30 -30.02 5.28 -18.84
CA CYS D 30 -30.00 5.26 -18.66
C CYS D 30 -31.30 6.02 -18.40
N VAL D 31 -31.13 7.13 -17.64
CA VAL D 31 -32.29 7.94 -17.23
C VAL D 31 -31.85 9.38 -17.33
N ARG D 32 -32.83 10.24 -17.64
CA ARG D 32 -32.53 11.67 -17.66
C ARG D 32 -33.85 12.39 -17.48
N PHE D 33 -33.93 13.23 -16.44
CA PHE D 33 -35.10 14.11 -16.25
C PHE D 33 -35.14 15.24 -17.25
N ASN D 34 -36.35 15.69 -17.63
CA ASN D 34 -36.41 16.94 -18.37
C ASN D 34 -36.21 18.14 -17.43
N ARG D 35 -36.12 19.33 -18.02
CA ARG D 35 -35.80 20.53 -17.23
C ARG D 35 -36.94 20.95 -16.31
N LYS D 36 -38.20 20.86 -16.80
CA LYS D 36 -39.36 21.26 -16.02
C LYS D 36 -39.59 20.33 -14.83
N GLY D 37 -39.10 19.12 -14.94
CA GLY D 37 -39.22 18.12 -13.92
C GLY D 37 -40.49 17.29 -13.93
N ASP D 38 -41.29 17.33 -14.99
CA ASP D 38 -42.51 16.55 -15.01
C ASP D 38 -42.42 15.29 -15.86
N PHE D 39 -41.31 15.05 -16.55
CA PHE D 39 -41.13 13.79 -17.26
C PHE D 39 -39.75 13.21 -16.99
N LEU D 40 -39.66 11.87 -16.98
CA LEU D 40 -38.40 11.17 -16.92
C LEU D 40 -38.26 10.38 -18.21
N ALA D 41 -37.12 10.52 -18.89
CA ALA D 41 -36.79 9.66 -20.02
C ALA D 41 -35.93 8.51 -19.54
N SER D 42 -36.23 7.32 -20.04
N SER D 42 -36.17 7.33 -20.08
CA SER D 42 -35.41 6.13 -19.80
CA SER D 42 -35.33 6.16 -19.76
C SER D 42 -34.95 5.59 -21.15
C SER D 42 -35.09 5.32 -21.00
N GLY D 43 -33.84 4.86 -21.17
CA GLY D 43 -33.44 4.11 -22.35
C GLY D 43 -33.23 2.66 -21.94
N ARG D 44 -33.44 1.76 -22.90
CA ARG D 44 -33.42 0.33 -22.59
C ARG D 44 -32.36 -0.42 -23.39
N VAL D 45 -32.06 -1.63 -22.90
CA VAL D 45 -31.19 -2.55 -23.64
C VAL D 45 -31.67 -2.73 -25.07
N ASP D 46 -33.00 -2.89 -25.28
CA ASP D 46 -33.53 -3.21 -26.61
C ASP D 46 -33.66 -1.98 -27.51
N GLY D 47 -33.14 -0.83 -27.07
CA GLY D 47 -33.14 0.40 -27.83
C GLY D 47 -34.36 1.29 -27.60
N THR D 48 -35.42 0.78 -27.00
CA THR D 48 -36.63 1.59 -26.82
C THR D 48 -36.34 2.68 -25.80
N VAL D 49 -36.89 3.87 -26.04
CA VAL D 49 -36.82 5.03 -25.15
C VAL D 49 -38.22 5.29 -24.60
N VAL D 50 -38.33 5.36 -23.27
CA VAL D 50 -39.62 5.45 -22.57
C VAL D 50 -39.70 6.81 -21.93
N ILE D 51 -40.83 7.50 -22.14
CA ILE D 51 -41.11 8.77 -21.51
C ILE D 51 -42.12 8.49 -20.40
N TRP D 52 -41.70 8.77 -19.19
CA TRP D 52 -42.49 8.58 -17.99
C TRP D 52 -43.09 9.89 -17.58
N ASP D 53 -44.40 9.87 -17.32
CA ASP D 53 -45.14 11.01 -16.76
C ASP D 53 -44.96 10.98 -15.24
N LEU D 54 -44.26 11.99 -14.67
CA LEU D 54 -43.94 11.91 -13.25
C LEU D 54 -45.15 12.14 -12.36
N GLU D 55 -46.17 12.84 -12.86
CA GLU D 55 -47.45 13.00 -12.15
C GLU D 55 -48.07 11.65 -11.80
N THR D 56 -48.22 10.79 -12.78
CA THR D 56 -48.87 9.51 -12.56
C THR D 56 -47.90 8.37 -12.34
N MET D 57 -46.59 8.62 -12.56
CA MET D 57 -45.56 7.57 -12.57
C MET D 57 -45.85 6.49 -13.63
N GLY D 58 -46.52 6.85 -14.73
CA GLY D 58 -46.85 5.91 -15.78
C GLY D 58 -46.16 6.27 -17.10
N VAL D 59 -46.15 5.31 -18.01
CA VAL D 59 -45.55 5.50 -19.32
C VAL D 59 -46.44 6.40 -20.18
N ALA D 60 -45.91 7.55 -20.62
CA ALA D 60 -46.67 8.43 -21.52
C ALA D 60 -46.39 8.13 -22.98
N ARG D 61 -45.18 7.69 -23.33
CA ARG D 61 -45.04 7.19 -24.68
C ARG D 61 -43.87 6.23 -24.75
N LYS D 62 -43.79 5.47 -25.84
CA LYS D 62 -42.60 4.68 -26.11
C LYS D 62 -42.11 5.04 -27.48
N LEU D 63 -40.81 5.26 -27.59
CA LEU D 63 -40.18 5.73 -28.81
C LEU D 63 -39.26 4.62 -29.33
N ARG D 64 -39.61 4.05 -30.47
CA ARG D 64 -38.86 2.98 -31.05
C ARG D 64 -38.08 3.37 -32.24
N GLY D 65 -36.80 3.55 -32.04
CA GLY D 65 -35.92 3.94 -33.09
C GLY D 65 -34.60 3.22 -33.05
N HIS D 66 -34.08 2.99 -31.88
CA HIS D 66 -32.84 2.27 -31.77
C HIS D 66 -33.18 0.81 -31.51
N SER D 67 -32.24 -0.06 -31.74
CA SER D 67 -32.44 -1.46 -31.44
C SER D 67 -31.33 -2.04 -30.58
N LYS D 68 -30.48 -1.18 -30.02
CA LYS D 68 -29.35 -1.58 -29.19
C LYS D 68 -29.29 -0.65 -27.97
N ASN D 69 -28.43 -1.01 -26.98
CA ASN D 69 -28.46 -0.38 -25.67
C ASN D 69 -28.35 1.14 -25.77
N ILE D 70 -29.34 1.84 -25.21
CA ILE D 70 -29.24 3.30 -25.14
C ILE D 70 -28.06 3.68 -24.24
N THR D 71 -27.27 4.68 -24.69
CA THR D 71 -26.15 5.14 -23.91
C THR D 71 -26.31 6.54 -23.33
N SER D 72 -27.19 7.36 -23.88
CA SER D 72 -27.33 8.70 -23.29
C SER D 72 -28.64 9.32 -23.71
N LEU D 73 -29.05 10.34 -22.97
CA LEU D 73 -30.31 11.03 -23.18
C LEU D 73 -30.06 12.50 -22.86
N SER D 74 -30.42 13.40 -23.77
CA SER D 74 -30.13 14.81 -23.62
C SER D 74 -31.39 15.56 -24.03
N TRP D 75 -31.96 16.38 -23.12
CA TRP D 75 -33.22 17.09 -23.39
C TRP D 75 -32.93 18.50 -23.85
N SER D 76 -33.79 19.00 -24.74
CA SER D 76 -33.77 20.40 -25.08
C SER D 76 -34.25 21.25 -23.91
N ARG D 77 -33.94 22.54 -24.00
CA ARG D 77 -34.29 23.48 -22.92
C ARG D 77 -35.80 23.54 -22.70
N CYS D 78 -36.57 23.55 -23.79
CA CYS D 78 -38.03 23.65 -23.79
C CYS D 78 -38.73 22.34 -23.45
N GLY D 79 -38.03 21.21 -23.56
CA GLY D 79 -38.59 19.92 -23.25
C GLY D 79 -39.35 19.29 -24.41
N ARG D 80 -39.46 20.00 -25.54
CA ARG D 80 -40.09 19.38 -26.72
C ARG D 80 -39.21 18.31 -27.40
N TYR D 81 -37.89 18.41 -27.32
CA TYR D 81 -37.05 17.49 -28.08
C TYR D 81 -36.16 16.71 -27.14
N LEU D 82 -35.97 15.44 -27.45
CA LEU D 82 -35.11 14.54 -26.71
C LEU D 82 -34.11 13.91 -27.65
N LEU D 83 -32.84 13.97 -27.28
CA LEU D 83 -31.76 13.38 -28.09
C LEU D 83 -31.32 12.08 -27.43
N SER D 84 -31.41 10.96 -28.15
CA SER D 84 -31.02 9.67 -27.60
C SER D 84 -29.90 9.08 -28.44
N ALA D 85 -29.09 8.21 -27.81
CA ALA D 85 -27.96 7.60 -28.52
C ALA D 85 -27.78 6.16 -28.08
N CYS D 86 -27.22 5.34 -28.98
CA CYS D 86 -27.07 3.91 -28.68
C CYS D 86 -25.71 3.34 -29.03
N GLN D 87 -25.50 2.12 -28.52
CA GLN D 87 -24.33 1.33 -28.87
C GLN D 87 -24.42 0.83 -30.30
N GLY D 88 -25.59 1.00 -30.93
CA GLY D 88 -25.83 0.59 -32.29
C GLY D 88 -25.51 1.66 -33.33
N TRP D 89 -24.73 2.68 -32.92
CA TRP D 89 -24.15 3.71 -33.78
C TRP D 89 -25.08 4.88 -34.06
N LYS D 90 -26.26 4.99 -33.45
CA LYS D 90 -27.25 5.96 -33.91
C LYS D 90 -27.50 7.04 -32.86
N VAL D 91 -27.86 8.22 -33.36
CA VAL D 91 -28.31 9.34 -32.52
C VAL D 91 -29.62 9.84 -33.15
N ILE D 92 -30.67 9.98 -32.35
CA ILE D 92 -31.98 10.33 -32.87
C ILE D 92 -32.48 11.52 -32.04
N LEU D 93 -33.08 12.50 -32.72
CA LEU D 93 -33.73 13.61 -32.02
C LEU D 93 -35.22 13.33 -32.13
N TRP D 94 -35.86 13.14 -30.98
CA TRP D 94 -37.30 12.90 -30.91
C TRP D 94 -38.04 14.21 -30.73
N ASP D 95 -39.16 14.37 -31.44
CA ASP D 95 -40.08 15.47 -31.24
C ASP D 95 -41.23 14.94 -30.41
N LEU D 96 -41.30 15.36 -29.14
CA LEU D 96 -42.26 14.79 -28.21
C LEU D 96 -43.65 15.37 -28.37
N GLN D 97 -43.82 16.44 -29.17
CA GLN D 97 -45.18 16.85 -29.54
C GLN D 97 -45.96 15.65 -30.06
N ASP D 98 -45.32 14.91 -30.96
CA ASP D 98 -45.88 13.83 -31.74
C ASP D 98 -45.42 12.46 -31.29
N GLY D 99 -44.25 12.37 -30.68
CA GLY D 99 -43.57 11.10 -30.56
C GLY D 99 -42.80 10.67 -31.80
N LYS D 100 -42.35 11.63 -32.63
CA LYS D 100 -41.80 11.33 -33.95
C LYS D 100 -40.28 11.40 -33.97
N ARG D 101 -39.69 10.52 -34.77
CA ARG D 101 -38.28 10.53 -35.14
C ARG D 101 -38.05 11.74 -36.03
N TYR D 102 -37.57 12.82 -35.45
CA TYR D 102 -37.45 14.05 -36.19
C TYR D 102 -36.13 14.12 -36.96
N ARG D 103 -35.03 13.66 -36.35
CA ARG D 103 -33.71 13.59 -36.97
C ARG D 103 -33.03 12.28 -36.59
N GLU D 104 -32.22 11.75 -37.49
CA GLU D 104 -31.50 10.50 -37.20
C GLU D 104 -30.14 10.58 -37.84
N VAL D 105 -29.09 10.31 -37.06
CA VAL D 105 -27.71 10.32 -37.55
C VAL D 105 -27.11 8.95 -37.23
N ARG D 106 -26.49 8.32 -38.22
CA ARG D 106 -25.83 7.03 -38.09
C ARG D 106 -24.32 7.25 -38.20
N PHE D 107 -23.62 7.06 -37.12
CA PHE D 107 -22.17 7.05 -37.16
C PHE D 107 -21.68 5.65 -37.55
N ARG D 108 -20.35 5.42 -37.45
CA ARG D 108 -19.74 4.11 -37.71
C ARG D 108 -19.16 3.49 -36.45
N ALA D 109 -19.70 3.86 -35.29
CA ALA D 109 -19.17 3.45 -34.00
C ALA D 109 -20.25 3.61 -32.96
N PRO D 110 -20.25 2.75 -31.95
CA PRO D 110 -21.12 2.95 -30.79
C PRO D 110 -20.91 4.35 -30.19
N VAL D 111 -21.99 4.97 -29.72
CA VAL D 111 -21.91 6.29 -29.14
C VAL D 111 -21.74 6.17 -27.62
N TYR D 112 -20.63 6.73 -27.08
CA TYR D 112 -20.54 6.87 -25.62
C TYR D 112 -21.64 7.78 -25.10
N GLY D 113 -21.78 8.92 -25.73
CA GLY D 113 -22.79 9.86 -25.31
C GLY D 113 -22.90 10.99 -26.31
N ALA D 114 -24.11 11.59 -26.42
CA ALA D 114 -24.34 12.74 -27.30
C ALA D 114 -25.12 13.77 -26.50
N GLU D 115 -24.70 15.04 -26.60
CA GLU D 115 -25.31 16.12 -25.82
C GLU D 115 -25.73 17.22 -26.77
N LEU D 116 -26.96 17.72 -26.60
CA LEU D 116 -27.41 18.87 -27.38
C LEU D 116 -26.68 20.16 -26.98
N HIS D 117 -26.46 21.04 -27.98
CA HIS D 117 -26.05 22.41 -27.71
C HIS D 117 -27.06 23.02 -26.74
N PRO D 118 -26.61 23.67 -25.67
CA PRO D 118 -27.57 24.20 -24.67
C PRO D 118 -28.54 25.22 -25.16
N TRP D 119 -28.28 25.87 -26.32
CA TRP D 119 -29.20 26.86 -26.85
C TRP D 119 -29.84 26.47 -28.16
N ASN D 120 -29.56 25.28 -28.68
CA ASN D 120 -29.92 24.98 -30.06
C ASN D 120 -30.10 23.47 -30.12
N HIS D 121 -31.36 23.01 -30.25
CA HIS D 121 -31.58 21.57 -30.34
C HIS D 121 -31.24 21.01 -31.73
N HIS D 122 -30.69 21.81 -32.64
CA HIS D 122 -30.28 21.35 -33.94
C HIS D 122 -28.77 21.09 -34.02
N GLN D 123 -28.10 21.04 -32.89
CA GLN D 123 -26.66 20.79 -32.89
C GLN D 123 -26.32 19.92 -31.71
N PHE D 124 -25.47 18.89 -31.91
CA PHE D 124 -25.03 18.13 -30.74
C PHE D 124 -23.56 17.76 -30.89
N ALA D 125 -22.99 17.32 -29.79
CA ALA D 125 -21.62 16.87 -29.77
C ALA D 125 -21.63 15.43 -29.26
N ALA D 126 -20.86 14.54 -29.89
CA ALA D 126 -20.87 13.13 -29.50
C ALA D 126 -19.45 12.58 -29.34
N ALA D 127 -19.25 11.70 -28.36
CA ALA D 127 -18.01 10.94 -28.22
C ALA D 127 -18.31 9.52 -28.64
N LEU D 128 -17.39 8.91 -29.38
CA LEU D 128 -17.63 7.64 -30.05
C LEU D 128 -16.61 6.61 -29.59
N PHE D 129 -17.08 5.37 -29.44
CA PHE D 129 -16.18 4.29 -29.07
C PHE D 129 -15.21 4.00 -30.20
N GLU D 130 -13.91 4.10 -29.90
CA GLU D 130 -12.81 3.84 -30.86
C GLU D 130 -13.00 4.63 -32.16
N ASP D 131 -13.34 5.91 -32.01
CA ASP D 131 -13.51 6.79 -33.18
C ASP D 131 -13.46 8.24 -32.71
N GLN D 132 -13.22 9.14 -33.67
CA GLN D 132 -13.06 10.57 -33.35
C GLN D 132 -14.38 11.20 -32.88
N PRO D 133 -14.31 12.12 -31.92
CA PRO D 133 -15.50 12.88 -31.51
C PRO D 133 -16.00 13.78 -32.63
N MET D 134 -17.28 14.14 -32.54
CA MET D 134 -17.93 14.80 -33.66
C MET D 134 -18.84 15.91 -33.15
N LEU D 135 -18.93 16.97 -33.93
CA LEU D 135 -19.95 17.97 -33.75
C LEU D 135 -20.85 17.88 -34.97
N VAL D 136 -22.17 17.80 -34.76
CA VAL D 136 -23.13 17.53 -35.84
C VAL D 136 -24.25 18.61 -35.85
N ASP D 137 -24.57 19.14 -37.02
CA ASP D 137 -25.61 20.14 -37.19
C ASP D 137 -26.79 19.44 -37.84
N ILE D 138 -27.89 19.26 -37.10
CA ILE D 138 -29.02 18.51 -37.65
C ILE D 138 -30.16 19.44 -38.03
N THR D 139 -29.84 20.65 -38.48
CA THR D 139 -30.93 21.57 -38.84
C THR D 139 -31.76 20.99 -39.97
N GLU D 140 -31.11 20.34 -40.91
CA GLU D 140 -31.79 19.83 -42.08
C GLU D 140 -31.81 18.33 -42.03
N PRO D 141 -32.68 17.68 -42.81
CA PRO D 141 -32.42 16.28 -43.11
C PRO D 141 -31.25 15.31 -43.15
N VAL D 142 -30.09 15.83 -43.51
CA VAL D 142 -28.94 15.05 -43.96
C VAL D 142 -28.19 16.09 -43.13
N GLU D 143 -27.54 15.58 -42.10
CA GLU D 143 -26.72 16.34 -41.19
C GLU D 143 -25.46 16.85 -41.88
N VAL D 144 -24.75 17.75 -41.21
CA VAL D 144 -23.39 18.08 -41.58
C VAL D 144 -22.52 17.77 -40.37
N ARG D 145 -21.42 17.05 -40.58
CA ARG D 145 -20.59 16.57 -39.46
C ARG D 145 -19.21 17.24 -39.47
N TYR D 146 -18.72 17.61 -38.29
CA TYR D 146 -17.40 18.21 -38.16
C TYR D 146 -16.60 17.38 -37.18
N VAL D 147 -15.40 16.97 -37.58
CA VAL D 147 -14.56 16.16 -36.71
C VAL D 147 -13.94 17.05 -35.64
N LEU D 148 -13.81 16.51 -34.42
CA LEU D 148 -13.16 17.25 -33.34
C LEU D 148 -11.85 16.58 -32.94
N PRO D 149 -10.89 17.35 -32.45
CA PRO D 149 -9.61 16.76 -32.08
C PRO D 149 -9.60 16.14 -30.68
N SER D 150 -8.72 15.17 -30.51
CA SER D 150 -8.48 14.59 -29.20
CA SER D 150 -8.48 14.57 -29.21
C SER D 150 -7.13 14.96 -28.63
N VAL D 151 -6.19 15.39 -29.47
CA VAL D 151 -4.85 15.75 -29.02
CA VAL D 151 -4.85 15.76 -29.02
C VAL D 151 -4.48 17.08 -29.67
N PRO D 152 -3.78 17.99 -28.98
CA PRO D 152 -3.37 19.29 -29.53
C PRO D 152 -2.48 19.17 -30.76
N GLN D 167 5.66 8.87 -32.79
CA GLN D 167 4.95 9.89 -32.02
C GLN D 167 3.49 9.94 -32.46
N ALA D 168 3.24 9.55 -33.71
CA ALA D 168 1.87 9.48 -34.20
C ALA D 168 1.16 8.21 -33.78
N LYS D 169 1.91 7.21 -33.32
CA LYS D 169 1.32 5.94 -32.90
C LYS D 169 0.57 6.10 -31.57
N GLU D 170 1.27 6.59 -30.55
CA GLU D 170 0.63 6.73 -29.25
C GLU D 170 -0.22 7.98 -29.14
N ASP D 171 -0.01 8.98 -30.01
CA ASP D 171 -0.95 10.09 -30.10
C ASP D 171 -2.32 9.58 -30.52
N ALA D 172 -2.34 8.51 -31.34
CA ALA D 172 -3.57 7.84 -31.75
C ALA D 172 -4.21 7.06 -30.60
N LYS D 173 -3.48 6.84 -29.52
CA LYS D 173 -4.06 6.23 -28.33
C LYS D 173 -4.89 7.22 -27.52
N HIS D 174 -4.70 8.52 -27.75
CA HIS D 174 -5.49 9.55 -27.07
C HIS D 174 -6.83 9.63 -27.79
N MET D 175 -7.87 9.13 -27.16
CA MET D 175 -9.19 9.18 -27.76
C MET D 175 -10.17 9.83 -26.79
N THR D 176 -11.22 10.42 -27.34
CA THR D 176 -12.15 11.19 -26.54
C THR D 176 -13.28 10.29 -26.09
N THR D 177 -13.52 10.27 -24.78
CA THR D 177 -14.50 9.34 -24.23
C THR D 177 -15.69 10.02 -23.57
N ALA D 178 -15.70 11.35 -23.50
CA ALA D 178 -16.84 12.05 -22.87
C ALA D 178 -16.76 13.49 -23.32
N ILE D 179 -17.90 14.13 -23.54
CA ILE D 179 -17.85 15.50 -24.06
C ILE D 179 -19.12 16.24 -23.66
N VAL D 180 -18.98 17.53 -23.29
CA VAL D 180 -20.12 18.32 -22.84
C VAL D 180 -19.92 19.75 -23.34
N TYR D 181 -21.02 20.45 -23.59
CA TYR D 181 -20.84 21.85 -23.93
C TYR D 181 -20.69 22.71 -22.70
N THR D 182 -20.02 23.87 -22.84
CA THR D 182 -20.08 24.89 -21.81
C THR D 182 -21.45 25.56 -21.87
N ALA D 183 -21.70 26.43 -20.88
CA ALA D 183 -23.05 27.00 -20.72
C ALA D 183 -23.48 27.82 -21.95
N SER D 184 -22.56 28.56 -22.54
CA SER D 184 -22.91 29.37 -23.72
C SER D 184 -22.97 28.53 -24.99
N GLY D 185 -22.44 27.30 -24.93
CA GLY D 185 -22.20 26.47 -26.09
C GLY D 185 -21.00 26.89 -26.95
N ASP D 186 -20.21 27.89 -26.55
CA ASP D 186 -19.09 28.27 -27.40
C ASP D 186 -17.87 27.35 -27.28
N HIS D 187 -17.81 26.51 -26.27
CA HIS D 187 -16.68 25.60 -26.08
C HIS D 187 -17.20 24.23 -25.70
N LEU D 188 -16.37 23.22 -25.94
CA LEU D 188 -16.61 21.87 -25.52
C LEU D 188 -15.53 21.48 -24.52
N LEU D 189 -15.94 20.80 -23.47
CA LEU D 189 -15.01 20.21 -22.51
C LEU D 189 -15.01 18.69 -22.76
N ALA D 190 -13.82 18.11 -23.02
CA ALA D 190 -13.75 16.73 -23.50
C ALA D 190 -12.73 16.00 -22.67
N GLY D 191 -13.06 14.77 -22.26
CA GLY D 191 -12.17 13.96 -21.46
C GLY D 191 -11.67 12.83 -22.34
N THR D 192 -10.46 12.34 -22.07
CA THR D 192 -9.82 11.37 -22.96
C THR D 192 -9.46 10.09 -22.22
N THR D 193 -8.97 9.13 -23.01
CA THR D 193 -8.50 7.85 -22.48
C THR D 193 -7.24 8.01 -21.62
N LYS D 194 -6.50 9.11 -21.75
CA LYS D 194 -5.31 9.33 -20.94
C LYS D 194 -5.54 10.37 -19.84
N GLY D 195 -6.78 10.55 -19.41
CA GLY D 195 -7.02 11.40 -18.26
C GLY D 195 -6.86 12.88 -18.52
N ARG D 196 -6.96 13.31 -19.76
CA ARG D 196 -6.83 14.72 -20.10
C ARG D 196 -8.20 15.30 -20.27
N LEU D 197 -8.31 16.57 -19.90
CA LEU D 197 -9.47 17.40 -20.20
C LEU D 197 -9.03 18.41 -21.27
N ASN D 198 -9.72 18.40 -22.41
CA ASN D 198 -9.43 19.30 -23.52
C ASN D 198 -10.53 20.35 -23.55
N ILE D 199 -10.15 21.59 -23.71
CA ILE D 199 -11.12 22.64 -23.93
C ILE D 199 -11.08 22.98 -25.40
N ILE D 200 -12.17 22.76 -26.10
CA ILE D 200 -12.20 22.94 -27.55
C ILE D 200 -13.05 24.17 -27.86
N ASP D 201 -12.51 25.07 -28.68
CA ASP D 201 -13.28 26.16 -29.25
C ASP D 201 -14.28 25.57 -30.24
N ALA D 202 -15.58 25.74 -29.99
CA ALA D 202 -16.55 25.07 -30.87
C ALA D 202 -16.53 25.63 -32.27
N ARG D 203 -16.14 26.90 -32.44
CA ARG D 203 -16.17 27.56 -33.74
C ARG D 203 -15.00 27.13 -34.62
N THR D 204 -13.78 27.17 -34.09
CA THR D 204 -12.60 26.75 -34.85
C THR D 204 -12.31 25.26 -34.76
N ARG D 205 -12.89 24.60 -33.78
CA ARG D 205 -12.73 23.17 -33.48
C ARG D 205 -11.29 22.87 -33.10
N GLU D 206 -10.58 23.86 -32.55
CA GLU D 206 -9.22 23.63 -32.05
C GLU D 206 -9.20 23.57 -30.53
N ILE D 207 -8.30 22.77 -29.99
CA ILE D 207 -8.06 22.68 -28.55
C ILE D 207 -7.31 23.92 -28.11
N ILE D 208 -7.93 24.73 -27.24
CA ILE D 208 -7.26 25.92 -26.75
C ILE D 208 -6.59 25.69 -25.40
N TYR D 209 -6.84 24.55 -24.74
CA TYR D 209 -6.23 24.25 -23.46
C TYR D 209 -6.37 22.76 -23.17
N SER D 210 -5.35 22.17 -22.54
CA SER D 210 -5.44 20.76 -22.18
C SER D 210 -4.64 20.53 -20.90
N GLU D 211 -5.17 19.73 -19.99
CA GLU D 211 -4.46 19.42 -18.75
C GLU D 211 -4.80 17.99 -18.35
N LYS D 212 -3.78 17.24 -17.95
CA LYS D 212 -3.95 15.89 -17.42
C LYS D 212 -4.50 16.03 -16.01
N ILE D 213 -5.74 15.61 -15.79
CA ILE D 213 -6.39 15.84 -14.50
C ILE D 213 -6.70 14.54 -13.80
N ALA D 214 -6.43 13.41 -14.42
CA ALA D 214 -6.81 12.12 -13.86
C ALA D 214 -5.81 11.08 -14.34
N SER D 215 -5.88 9.88 -13.75
CA SER D 215 -4.94 8.81 -14.05
C SER D 215 -5.66 7.60 -14.65
N GLY D 216 -6.53 7.85 -15.62
CA GLY D 216 -7.04 6.83 -16.51
C GLY D 216 -8.18 7.42 -17.32
N ILE D 217 -8.96 6.55 -17.96
CA ILE D 217 -10.05 7.00 -18.82
C ILE D 217 -11.04 7.90 -18.07
N ILE D 218 -11.42 9.02 -18.69
CA ILE D 218 -12.47 9.88 -18.16
C ILE D 218 -13.80 9.38 -18.72
N THR D 219 -14.71 8.93 -17.84
CA THR D 219 -15.95 8.28 -18.25
C THR D 219 -17.16 9.21 -18.22
N THR D 220 -17.14 10.22 -17.39
CA THR D 220 -18.29 11.11 -17.26
C THR D 220 -17.84 12.53 -17.04
N LEU D 221 -18.53 13.48 -17.69
CA LEU D 221 -18.33 14.90 -17.48
C LEU D 221 -19.72 15.51 -17.31
N ARG D 222 -19.89 16.31 -16.25
CA ARG D 222 -21.13 17.02 -16.04
C ARG D 222 -20.85 18.43 -15.51
N LEU D 223 -21.76 19.34 -15.82
CA LEU D 223 -21.58 20.73 -15.39
C LEU D 223 -22.74 21.09 -14.51
N THR D 224 -22.52 21.96 -13.54
CA THR D 224 -23.68 22.56 -12.87
C THR D 224 -24.49 23.42 -13.84
N GLU D 225 -25.64 23.88 -13.35
CA GLU D 225 -26.59 24.63 -14.18
C GLU D 225 -25.99 25.92 -14.70
N SER D 226 -25.23 26.61 -13.86
CA SER D 226 -24.52 27.84 -14.24
C SER D 226 -23.35 27.58 -15.17
N GLY D 227 -22.88 26.35 -15.26
CA GLY D 227 -21.69 26.06 -16.03
C GLY D 227 -20.41 26.42 -15.33
N ARG D 228 -20.46 26.78 -14.03
CA ARG D 228 -19.26 27.22 -13.32
C ARG D 228 -18.46 26.08 -12.68
N GLU D 229 -19.03 24.89 -12.48
CA GLU D 229 -18.29 23.79 -11.86
C GLU D 229 -18.44 22.55 -12.71
N LEU D 230 -17.35 21.81 -12.84
CA LEU D 230 -17.31 20.61 -13.66
C LEU D 230 -17.09 19.38 -12.79
N LEU D 231 -17.81 18.31 -13.07
CA LEU D 231 -17.75 17.06 -12.32
C LEU D 231 -17.14 16.04 -13.26
N VAL D 232 -16.10 15.35 -12.81
CA VAL D 232 -15.36 14.43 -13.68
C VAL D 232 -15.28 13.08 -12.99
N ASN D 233 -15.70 12.01 -13.67
CA ASN D 233 -15.50 10.64 -13.20
C ASN D 233 -14.38 10.02 -14.02
N ALA D 234 -13.44 9.35 -13.36
CA ALA D 234 -12.32 8.78 -14.12
C ALA D 234 -11.97 7.44 -13.51
N GLN D 235 -11.27 6.63 -14.29
CA GLN D 235 -11.08 5.27 -13.83
C GLN D 235 -10.00 5.13 -12.73
N ASP D 236 -9.41 6.22 -12.24
CA ASP D 236 -8.51 6.10 -11.10
C ASP D 236 -9.23 6.16 -9.75
N ARG D 237 -10.57 6.02 -9.73
CA ARG D 237 -11.40 5.81 -8.51
C ARG D 237 -11.51 7.07 -7.63
N ILE D 238 -11.23 8.22 -8.19
CA ILE D 238 -11.38 9.49 -7.50
C ILE D 238 -12.35 10.32 -8.33
N ILE D 239 -13.36 10.82 -7.70
CA ILE D 239 -14.26 11.75 -8.37
C ILE D 239 -13.74 13.15 -8.09
N ARG D 240 -13.74 14.04 -9.10
CA ARG D 240 -13.17 15.38 -8.94
C ARG D 240 -14.17 16.44 -9.40
N THR D 241 -14.21 17.59 -8.72
CA THR D 241 -14.91 18.77 -9.23
C THR D 241 -13.86 19.86 -9.47
N PHE D 242 -14.08 20.65 -10.54
CA PHE D 242 -13.15 21.68 -10.98
C PHE D 242 -13.92 22.98 -11.17
N ILE D 243 -13.21 24.09 -10.94
CA ILE D 243 -13.77 25.43 -11.19
C ILE D 243 -13.55 25.77 -12.66
N VAL D 244 -14.64 25.95 -13.38
CA VAL D 244 -14.56 26.19 -14.83
C VAL D 244 -14.05 27.61 -15.08
N PRO D 245 -13.08 27.82 -15.97
CA PRO D 245 -12.62 29.20 -16.24
C PRO D 245 -13.64 30.00 -17.02
N ASN D 246 -13.48 31.33 -16.99
CA ASN D 246 -14.37 32.19 -17.76
C ASN D 246 -13.93 32.14 -19.23
N LEU D 247 -14.72 31.47 -20.08
CA LEU D 247 -14.33 31.25 -21.47
C LEU D 247 -15.07 32.14 -22.47
N SER D 248 -16.35 32.44 -22.20
CA SER D 248 -17.21 33.26 -23.06
C SER D 248 -17.00 34.75 -22.90
N ALA D 249 -16.18 35.18 -21.94
CA ALA D 249 -15.85 36.60 -21.90
C ALA D 249 -14.91 36.91 -23.05
N ALA D 250 -14.93 38.18 -23.44
CA ALA D 250 -14.25 38.73 -24.61
C ALA D 250 -12.79 39.08 -24.34
N ASP D 251 -12.29 38.81 -23.14
CA ASP D 251 -10.89 39.05 -22.80
C ASP D 251 -10.17 37.74 -22.49
N LEU D 252 -10.58 36.67 -23.16
CA LEU D 252 -9.99 35.36 -22.93
C LEU D 252 -8.59 35.30 -23.54
N ASP D 253 -7.61 34.87 -22.74
CA ASP D 253 -6.28 34.52 -23.21
C ASP D 253 -5.98 33.14 -22.73
N PRO D 254 -5.71 32.23 -23.67
CA PRO D 254 -5.42 30.80 -23.43
C PRO D 254 -3.96 30.57 -23.06
N ILE D 257 -5.37 30.44 -18.92
CA ILE D 257 -6.47 29.56 -18.54
C ILE D 257 -6.01 28.64 -17.41
N GLN D 258 -6.83 28.52 -16.37
CA GLN D 258 -6.61 27.59 -15.27
C GLN D 258 -7.88 26.75 -15.06
N LEU D 259 -7.68 25.55 -14.53
CA LEU D 259 -8.77 24.65 -14.18
C LEU D 259 -8.52 24.12 -12.77
N PRO D 260 -8.67 24.98 -11.76
CA PRO D 260 -8.35 24.56 -10.39
C PRO D 260 -9.27 23.46 -9.87
N LEU D 261 -8.67 22.54 -9.11
CA LEU D 261 -9.45 21.49 -8.45
C LEU D 261 -10.26 22.08 -7.28
N GLU D 262 -11.54 21.69 -7.19
CA GLU D 262 -12.38 22.07 -6.06
C GLU D 262 -12.38 21.00 -4.95
N HIS D 263 -12.85 19.80 -5.24
CA HIS D 263 -12.92 18.69 -4.28
C HIS D 263 -12.53 17.39 -4.97
N LYS D 264 -11.88 16.50 -4.21
CA LYS D 264 -11.75 15.10 -4.56
C LYS D 264 -12.69 14.29 -3.67
N PHE D 265 -13.37 13.31 -4.24
CA PHE D 265 -14.28 12.44 -3.50
C PHE D 265 -13.86 10.99 -3.75
N GLN D 266 -13.68 10.23 -2.68
CA GLN D 266 -13.21 8.85 -2.86
C GLN D 266 -13.48 8.10 -1.57
N ASP D 267 -13.34 6.77 -1.63
CA ASP D 267 -13.44 5.96 -0.39
C ASP D 267 -12.04 5.40 -0.17
N VAL D 268 -11.26 5.97 0.77
CA VAL D 268 -9.86 5.52 0.87
C VAL D 268 -9.80 4.14 1.48
N VAL D 269 -10.87 3.69 2.11
CA VAL D 269 -10.84 2.35 2.73
C VAL D 269 -11.18 1.28 1.70
N ASN D 270 -12.28 1.47 1.00
CA ASN D 270 -12.75 0.47 0.07
C ASN D 270 -12.24 0.65 -1.36
N ARG D 271 -11.68 1.83 -1.66
CA ARG D 271 -11.12 2.16 -2.98
C ARG D 271 -12.07 1.72 -4.12
N LEU D 272 -13.31 2.17 -4.00
CA LEU D 272 -14.31 1.84 -5.00
C LEU D 272 -14.12 2.60 -6.31
N SER D 273 -14.43 1.92 -7.40
CA SER D 273 -14.64 2.53 -8.69
CA SER D 273 -14.64 2.54 -8.69
C SER D 273 -16.09 3.00 -8.77
N TRP D 274 -16.31 4.06 -9.54
CA TRP D 274 -17.62 4.69 -9.58
C TRP D 274 -18.24 4.48 -10.96
N ASN D 275 -19.45 3.93 -11.01
CA ASN D 275 -20.04 3.65 -12.31
C ASN D 275 -20.51 4.94 -13.00
N HIS D 276 -21.14 5.80 -12.25
CA HIS D 276 -21.71 7.03 -12.83
CA HIS D 276 -21.74 7.02 -12.83
C HIS D 276 -21.80 8.05 -11.71
N VAL D 277 -21.81 9.34 -12.10
CA VAL D 277 -21.86 10.43 -11.11
C VAL D 277 -22.87 11.48 -11.58
N ALA D 278 -23.34 12.30 -10.62
CA ALA D 278 -24.38 13.27 -10.94
C ALA D 278 -24.38 14.38 -9.91
N PHE D 279 -24.56 15.61 -10.39
CA PHE D 279 -24.84 16.77 -9.52
C PHE D 279 -26.33 16.85 -9.15
N SER D 280 -26.63 17.18 -7.90
CA SER D 280 -28.03 17.48 -7.55
C SER D 280 -28.48 18.79 -8.20
N ALA D 281 -29.76 19.12 -7.97
CA ALA D 281 -30.43 20.21 -8.68
C ALA D 281 -29.71 21.52 -8.51
N THR D 282 -29.31 21.84 -7.29
CA THR D 282 -28.65 23.12 -6.98
C THR D 282 -27.14 22.98 -6.98
N GLY D 283 -26.67 21.79 -7.26
CA GLY D 283 -25.25 21.41 -7.14
C GLY D 283 -24.76 21.25 -5.71
N GLU D 284 -25.65 21.22 -4.73
CA GLU D 284 -25.23 21.04 -3.35
C GLU D 284 -24.53 19.68 -3.19
N TYR D 285 -25.08 18.66 -3.83
CA TYR D 285 -24.63 17.25 -3.67
C TYR D 285 -24.01 16.69 -4.93
N VAL D 286 -23.06 15.76 -4.72
CA VAL D 286 -22.55 14.88 -5.76
C VAL D 286 -22.94 13.47 -5.37
N ALA D 287 -23.57 12.72 -6.29
CA ALA D 287 -23.88 11.32 -6.02
C ALA D 287 -23.08 10.41 -6.94
N ALA D 288 -22.86 9.17 -6.51
CA ALA D 288 -22.13 8.23 -7.35
C ALA D 288 -22.60 6.79 -7.09
N SER D 289 -22.76 6.01 -8.18
CA SER D 289 -22.99 4.58 -8.00
C SER D 289 -21.66 3.85 -7.97
N THR D 290 -21.65 2.68 -7.32
CA THR D 290 -20.41 1.99 -7.00
C THR D 290 -20.24 0.77 -7.92
N TYR D 291 -19.06 0.60 -8.49
CA TYR D 291 -18.74 -0.59 -9.27
C TYR D 291 -18.64 -1.80 -8.36
N ASN D 292 -19.33 -2.88 -8.72
CA ASN D 292 -19.19 -4.17 -8.03
C ASN D 292 -19.75 -4.14 -6.62
N ASN D 293 -20.44 -3.09 -6.23
CA ASN D 293 -21.03 -3.00 -4.92
C ASN D 293 -22.43 -2.44 -5.12
N HIS D 294 -23.24 -2.43 -4.05
CA HIS D 294 -24.65 -2.11 -4.20
CA HIS D 294 -24.66 -2.09 -4.23
C HIS D 294 -25.02 -0.69 -3.73
N GLU D 295 -24.04 0.15 -3.45
CA GLU D 295 -24.37 1.42 -2.80
C GLU D 295 -24.35 2.62 -3.73
N LEU D 296 -24.99 3.69 -3.26
CA LEU D 296 -24.89 5.02 -3.83
C LEU D 296 -24.27 5.87 -2.74
N TYR D 297 -23.18 6.55 -3.05
CA TYR D 297 -22.57 7.51 -2.13
C TYR D 297 -23.05 8.91 -2.49
N ILE D 298 -23.25 9.74 -1.47
CA ILE D 298 -23.65 11.13 -1.66
C ILE D 298 -22.73 11.99 -0.80
N TRP D 299 -22.04 12.94 -1.43
CA TRP D 299 -21.23 13.94 -0.73
C TRP D 299 -21.86 15.32 -0.89
N GLU D 300 -21.49 16.22 0.02
CA GLU D 300 -21.93 17.61 -0.06
C GLU D 300 -20.74 18.47 -0.47
N ARG D 301 -20.98 19.45 -1.33
CA ARG D 301 -19.89 20.24 -1.89
C ARG D 301 -19.49 21.48 -1.06
N GLY D 302 -20.27 21.85 -0.05
CA GLY D 302 -19.85 22.95 0.81
C GLY D 302 -18.52 22.68 1.49
N HIS D 303 -18.36 21.49 2.08
CA HIS D 303 -17.12 21.08 2.74
C HIS D 303 -16.52 19.80 2.18
N GLY D 304 -17.18 19.18 1.22
CA GLY D 304 -16.65 17.98 0.59
C GLY D 304 -16.89 16.71 1.34
N SER D 305 -17.77 16.72 2.34
CA SER D 305 -17.84 15.55 3.23
C SER D 305 -18.90 14.55 2.70
N LEU D 306 -18.73 13.28 3.07
CA LEU D 306 -19.70 12.25 2.74
C LEU D 306 -20.88 12.35 3.68
N VAL D 307 -22.09 12.42 3.11
CA VAL D 307 -23.29 12.63 3.90
C VAL D 307 -24.24 11.43 3.88
N ARG D 308 -24.26 10.61 2.81
CA ARG D 308 -25.12 9.42 2.80
C ARG D 308 -24.44 8.28 2.09
N MET D 309 -24.71 7.05 2.57
CA MET D 309 -24.51 5.82 1.79
C MET D 309 -25.87 5.12 1.73
N LEU D 310 -26.50 5.15 0.55
CA LEU D 310 -27.79 4.50 0.36
C LEU D 310 -27.57 3.06 -0.08
N GLU D 311 -28.27 2.11 0.53
CA GLU D 311 -28.21 0.72 0.11
C GLU D 311 -29.40 0.28 -0.73
N GLY D 312 -30.61 0.68 -0.36
CA GLY D 312 -31.74 0.50 -1.23
C GLY D 312 -31.94 -0.95 -1.65
N PRO D 313 -32.25 -1.20 -2.92
CA PRO D 313 -32.22 -2.58 -3.42
C PRO D 313 -30.77 -3.02 -3.48
N LYS D 314 -30.56 -4.27 -3.15
CA LYS D 314 -29.19 -4.73 -3.06
C LYS D 314 -28.75 -5.26 -4.41
N GLU D 315 -28.66 -4.37 -5.40
CA GLU D 315 -28.04 -4.76 -6.64
C GLU D 315 -27.12 -3.62 -7.07
N GLU D 316 -26.15 -3.95 -7.91
CA GLU D 316 -25.29 -2.90 -8.45
C GLU D 316 -26.11 -1.90 -9.25
N GLN D 317 -25.81 -0.61 -9.06
CA GLN D 317 -26.51 0.46 -9.76
C GLN D 317 -25.61 1.05 -10.85
N GLY D 318 -26.20 1.49 -11.96
CA GLY D 318 -25.46 2.05 -13.08
C GLY D 318 -25.64 3.56 -13.20
N VAL D 319 -26.32 3.97 -14.27
CA VAL D 319 -26.60 5.38 -14.49
C VAL D 319 -27.49 5.93 -13.36
N ILE D 320 -27.15 7.14 -12.87
CA ILE D 320 -28.01 7.79 -11.89
C ILE D 320 -28.24 9.22 -12.33
N GLU D 321 -29.32 9.80 -11.83
CA GLU D 321 -29.60 11.21 -12.19
C GLU D 321 -30.50 11.81 -11.13
N TRP D 322 -30.22 13.10 -10.82
CA TRP D 322 -31.06 13.83 -9.87
C TRP D 322 -32.15 14.61 -10.58
N HIS D 323 -33.27 14.76 -9.89
CA HIS D 323 -34.37 15.57 -10.36
C HIS D 323 -33.93 17.05 -10.42
N PRO D 324 -34.40 17.82 -11.40
CA PRO D 324 -33.95 19.22 -11.54
C PRO D 324 -34.50 20.16 -10.47
N HIS D 325 -35.53 19.78 -9.72
CA HIS D 325 -36.04 20.74 -8.73
C HIS D 325 -36.13 20.12 -7.33
N ARG D 326 -36.33 18.81 -7.23
CA ARG D 326 -36.55 18.18 -5.92
C ARG D 326 -35.42 17.22 -5.57
N ALA D 327 -35.36 16.88 -4.27
CA ALA D 327 -34.26 16.08 -3.77
C ALA D 327 -34.57 14.61 -4.03
N LEU D 328 -34.58 14.24 -5.30
CA LEU D 328 -34.97 12.90 -5.74
C LEU D 328 -33.85 12.36 -6.61
N LEU D 329 -33.41 11.15 -6.36
CA LEU D 329 -32.26 10.60 -7.07
C LEU D 329 -32.74 9.32 -7.75
N ALA D 330 -32.66 9.26 -9.09
CA ALA D 330 -33.07 8.05 -9.81
C ALA D 330 -31.85 7.21 -10.10
N ALA D 331 -32.00 5.88 -10.08
CA ALA D 331 -30.84 5.03 -10.34
C ALA D 331 -31.31 3.80 -11.10
N CYS D 332 -30.51 3.35 -12.08
CA CYS D 332 -30.80 2.16 -12.90
C CYS D 332 -30.07 0.96 -12.29
N GLY D 333 -30.83 -0.12 -12.03
CA GLY D 333 -30.17 -1.34 -11.55
C GLY D 333 -29.51 -2.04 -12.73
N LEU D 334 -28.24 -2.44 -12.57
CA LEU D 334 -27.52 -3.14 -13.65
C LEU D 334 -28.03 -4.56 -13.88
N GLU D 335 -28.56 -5.24 -12.83
CA GLU D 335 -28.98 -6.63 -12.95
C GLU D 335 -30.44 -6.76 -13.37
N THR D 336 -31.33 -5.92 -12.86
CA THR D 336 -32.72 -6.04 -13.19
C THR D 336 -33.22 -4.97 -14.14
N GLY D 337 -32.47 -3.88 -14.31
CA GLY D 337 -32.96 -2.81 -15.14
C GLY D 337 -34.12 -2.02 -14.54
N ARG D 338 -34.45 -2.25 -13.27
CA ARG D 338 -35.42 -1.42 -12.57
C ARG D 338 -34.85 -0.02 -12.30
N ILE D 339 -35.74 0.95 -12.22
CA ILE D 339 -35.39 2.31 -11.78
C ILE D 339 -35.95 2.50 -10.39
N ASN D 340 -35.07 2.89 -9.45
CA ASN D 340 -35.51 3.28 -8.12
C ASN D 340 -35.32 4.79 -8.01
N ILE D 341 -36.30 5.44 -7.40
CA ILE D 341 -36.19 6.88 -7.12
C ILE D 341 -36.19 7.08 -5.62
N TRP D 342 -35.06 7.53 -5.08
CA TRP D 342 -34.95 7.77 -3.65
C TRP D 342 -35.32 9.20 -3.37
N SER D 343 -35.99 9.41 -2.25
CA SER D 343 -36.23 10.75 -1.70
CA SER D 343 -36.21 10.76 -1.69
C SER D 343 -35.11 10.99 -0.70
N VAL D 344 -34.14 11.86 -1.06
CA VAL D 344 -32.91 12.07 -0.28
C VAL D 344 -33.06 13.26 0.64
N THR D 345 -32.97 13.03 1.96
CA THR D 345 -33.03 14.14 2.92
C THR D 345 -31.71 14.35 3.69
#